data_5O0Z
# 
_entry.id   5O0Z 
# 
_audit_conform.dict_name       mmcif_pdbx.dic 
_audit_conform.dict_version    5.395 
_audit_conform.dict_location   http://mmcif.pdb.org/dictionaries/ascii/mmcif_pdbx.dic 
# 
loop_
_database_2.database_id 
_database_2.database_code 
_database_2.pdbx_database_accession 
_database_2.pdbx_DOI 
PDB   5O0Z         pdb_00005o0z 10.2210/pdb5o0z/pdb 
WWPDB D_1200004984 ?            ?                   
# 
loop_
_pdbx_audit_revision_history.ordinal 
_pdbx_audit_revision_history.data_content_type 
_pdbx_audit_revision_history.major_revision 
_pdbx_audit_revision_history.minor_revision 
_pdbx_audit_revision_history.revision_date 
1 'Structure model' 1 0 2017-11-15 
2 'Structure model' 1 1 2017-12-13 
3 'Structure model' 1 2 2018-01-03 
4 'Structure model' 1 3 2019-10-16 
5 'Structure model' 2 0 2024-08-07 
# 
_pdbx_audit_revision_details.ordinal             1 
_pdbx_audit_revision_details.revision_ordinal    1 
_pdbx_audit_revision_details.data_content_type   'Structure model' 
_pdbx_audit_revision_details.provider            repository 
_pdbx_audit_revision_details.type                'Initial release' 
_pdbx_audit_revision_details.description         ? 
_pdbx_audit_revision_details.details             ? 
# 
loop_
_pdbx_audit_revision_group.ordinal 
_pdbx_audit_revision_group.revision_ordinal 
_pdbx_audit_revision_group.data_content_type 
_pdbx_audit_revision_group.group 
1 2 'Structure model' 'Database references'  
2 3 'Structure model' 'Database references'  
3 4 'Structure model' 'Data collection'      
4 5 'Structure model' Advisory               
5 5 'Structure model' 'Atomic model'         
6 5 'Structure model' 'Data collection'      
7 5 'Structure model' 'Database references'  
8 5 'Structure model' 'Derived calculations' 
9 5 'Structure model' 'Structure summary'    
# 
loop_
_pdbx_audit_revision_category.ordinal 
_pdbx_audit_revision_category.revision_ordinal 
_pdbx_audit_revision_category.data_content_type 
_pdbx_audit_revision_category.category 
1  2 'Structure model' citation                     
2  3 'Structure model' citation                     
3  4 'Structure model' reflns_shell                 
4  5 'Structure model' atom_site                    
5  5 'Structure model' atom_site_anisotrop          
6  5 'Structure model' chem_comp_atom               
7  5 'Structure model' chem_comp_bond               
8  5 'Structure model' database_2                   
9  5 'Structure model' pdbx_molecule_features       
10 5 'Structure model' pdbx_poly_seq_scheme         
11 5 'Structure model' pdbx_struct_conn_angle       
12 5 'Structure model' pdbx_unobs_or_zero_occ_atoms 
13 5 'Structure model' struct_conn                  
14 5 'Structure model' struct_ref_seq               
15 5 'Structure model' struct_site                  
16 5 'Structure model' struct_site_gen              
# 
loop_
_pdbx_audit_revision_item.ordinal 
_pdbx_audit_revision_item.revision_ordinal 
_pdbx_audit_revision_item.data_content_type 
_pdbx_audit_revision_item.item 
1  2 'Structure model' '_citation.title'                             
2  3 'Structure model' '_citation.journal_volume'                    
3  3 'Structure model' '_citation.page_first'                        
4  3 'Structure model' '_citation.page_last'                         
5  5 'Structure model' '_atom_site.auth_seq_id'                      
6  5 'Structure model' '_atom_site_anisotrop.pdbx_auth_seq_id'       
7  5 'Structure model' '_database_2.pdbx_DOI'                        
8  5 'Structure model' '_database_2.pdbx_database_accession'         
9  5 'Structure model' '_pdbx_poly_seq_scheme.pdb_seq_num'           
10 5 'Structure model' '_pdbx_struct_conn_angle.ptnr1_auth_asym_id'  
11 5 'Structure model' '_pdbx_struct_conn_angle.ptnr1_auth_comp_id'  
12 5 'Structure model' '_pdbx_struct_conn_angle.ptnr1_auth_seq_id'   
13 5 'Structure model' '_pdbx_struct_conn_angle.ptnr1_label_asym_id' 
14 5 'Structure model' '_pdbx_struct_conn_angle.ptnr1_label_atom_id' 
15 5 'Structure model' '_pdbx_struct_conn_angle.ptnr1_label_comp_id' 
16 5 'Structure model' '_pdbx_struct_conn_angle.ptnr1_label_seq_id'  
17 5 'Structure model' '_pdbx_struct_conn_angle.ptnr3_auth_asym_id'  
18 5 'Structure model' '_pdbx_struct_conn_angle.ptnr3_auth_comp_id'  
19 5 'Structure model' '_pdbx_struct_conn_angle.ptnr3_auth_seq_id'   
20 5 'Structure model' '_pdbx_struct_conn_angle.ptnr3_label_asym_id' 
21 5 'Structure model' '_pdbx_struct_conn_angle.ptnr3_label_atom_id' 
22 5 'Structure model' '_pdbx_struct_conn_angle.ptnr3_label_comp_id' 
23 5 'Structure model' '_pdbx_struct_conn_angle.ptnr3_label_seq_id'  
24 5 'Structure model' '_pdbx_struct_conn_angle.value'               
25 5 'Structure model' '_pdbx_unobs_or_zero_occ_atoms.auth_seq_id'   
26 5 'Structure model' '_struct_conn.conn_type_id'                   
27 5 'Structure model' '_struct_conn.id'                             
28 5 'Structure model' '_struct_conn.pdbx_dist_value'                
29 5 'Structure model' '_struct_conn.pdbx_leaving_atom_flag'         
30 5 'Structure model' '_struct_conn.ptnr1_auth_asym_id'             
31 5 'Structure model' '_struct_conn.ptnr1_auth_comp_id'             
32 5 'Structure model' '_struct_conn.ptnr1_auth_seq_id'              
33 5 'Structure model' '_struct_conn.ptnr1_label_asym_id'            
34 5 'Structure model' '_struct_conn.ptnr1_label_atom_id'            
35 5 'Structure model' '_struct_conn.ptnr1_label_comp_id'            
36 5 'Structure model' '_struct_conn.ptnr1_label_seq_id'             
37 5 'Structure model' '_struct_conn.ptnr2_auth_asym_id'             
38 5 'Structure model' '_struct_conn.ptnr2_auth_comp_id'             
39 5 'Structure model' '_struct_conn.ptnr2_auth_seq_id'              
40 5 'Structure model' '_struct_conn.ptnr2_label_asym_id'            
41 5 'Structure model' '_struct_conn.ptnr2_label_atom_id'            
42 5 'Structure model' '_struct_conn.ptnr2_label_comp_id'            
43 5 'Structure model' '_struct_conn.ptnr2_label_seq_id'             
44 5 'Structure model' '_struct_ref_seq.db_align_beg'                
45 5 'Structure model' '_struct_ref_seq.db_align_end'                
46 5 'Structure model' '_struct_ref_seq.pdbx_auth_seq_align_beg'     
47 5 'Structure model' '_struct_ref_seq.pdbx_auth_seq_align_end'     
48 5 'Structure model' '_struct_site.pdbx_auth_seq_id'               
49 5 'Structure model' '_struct_site_gen.auth_seq_id'                
# 
_pdbx_database_status.status_code                     REL 
_pdbx_database_status.status_code_sf                  REL 
_pdbx_database_status.status_code_mr                  ? 
_pdbx_database_status.entry_id                        5O0Z 
_pdbx_database_status.recvd_initial_deposition_date   2017-05-17 
_pdbx_database_status.SG_entry                        N 
_pdbx_database_status.deposit_site                    PDBE 
_pdbx_database_status.process_site                    PDBE 
_pdbx_database_status.status_code_cs                  ? 
_pdbx_database_status.methods_development_category    ? 
_pdbx_database_status.pdb_format_compatible           Y 
_pdbx_database_status.status_code_nmr_data            ? 
# 
loop_
_audit_author.name 
_audit_author.pdbx_ordinal 
_audit_author.identifier_ORCID 
'Vlieg, H.C.'     1 ? 
'Kleijn, L.H.J.'  2 ? 
'Martin, N.I.'    3 ? 
'Janssen, B.J.C.' 4 ? 
# 
_citation.abstract                  ? 
_citation.abstract_id_CAS           ? 
_citation.book_id_ISBN              ? 
_citation.book_publisher            ? 
_citation.book_publisher_city       ? 
_citation.book_title                ? 
_citation.coordinate_linkage        ? 
_citation.country                   GE 
_citation.database_id_Medline       ? 
_citation.details                   ? 
_citation.id                        primary 
_citation.journal_abbrev            'Angew. Chem. Int. Ed. Engl.' 
_citation.journal_id_ASTM           ACIEAY 
_citation.journal_id_CSD            0179 
_citation.journal_id_ISSN           1521-3773 
_citation.journal_full              ? 
_citation.journal_issue             ? 
_citation.journal_volume            56 
_citation.language                  ? 
_citation.page_first                16546 
_citation.page_last                 16549 
_citation.title                     
;A High-Resolution Crystal Structure that Reveals Molecular Details of Target Recognition by the Calcium-Dependent Lipopeptide Antibiotic Laspartomycin C.
;
_citation.year                      2017 
_citation.database_id_CSD           ? 
_citation.pdbx_database_id_DOI      10.1002/anie.201709240 
_citation.pdbx_database_id_PubMed   29108098 
_citation.unpublished_flag          ? 
# 
loop_
_citation_author.citation_id 
_citation_author.name 
_citation_author.ordinal 
_citation_author.identifier_ORCID 
primary 'Kleijn, L.H.J.'    1 ? 
primary 'Vlieg, H.C.'       2 ? 
primary 'Wood, T.M.'        3 ? 
primary 'Sastre Torano, J.' 4 ? 
primary 'Janssen, B.J.C.'   5 ? 
primary 'Martin, N.I.'      6 ? 
# 
loop_
_entity.id 
_entity.type 
_entity.src_method 
_entity.pdbx_description 
_entity.formula_weight 
_entity.pdbx_number_of_molecules 
_entity.pdbx_ec 
_entity.pdbx_mutation 
_entity.pdbx_fragment 
_entity.details 
1 polymer     syn 'Laspartomycin C'                                  1266.420 2  ? ? ? ? 
2 non-polymer syn '[(~{E})-3-methylhex-2-enyl] dihydrogen phosphate' 194.165  2  ? ? ? ? 
3 non-polymer syn 'CALCIUM ION'                                      40.078   4  ? ? ? ? 
4 non-polymer syn 'CHLORIDE ION'                                     35.453   1  ? ? ? ? 
5 non-polymer syn 'ACETIC ACID'                                      60.052   3  ? ? ? ? 
6 water       nat water                                              18.015   17 ? ? ? ? 
# 
_entity_poly.entity_id                      1 
_entity_poly.type                           'polypeptide(L)' 
_entity_poly.nstd_linkage                   no 
_entity_poly.nstd_monomer                   yes 
_entity_poly.pdbx_seq_one_letter_code       '(9GE)D(DNP)(CPI)GDGDG(2TL)IP' 
_entity_poly.pdbx_seq_one_letter_code_can   XDAXGDGDGTIP 
_entity_poly.pdbx_strand_id                 A,B 
_entity_poly.pdbx_target_identifier         ? 
# 
loop_
_pdbx_entity_nonpoly.entity_id 
_pdbx_entity_nonpoly.name 
_pdbx_entity_nonpoly.comp_id 
2 '[(~{E})-3-methylhex-2-enyl] dihydrogen phosphate' 9GB 
3 'CALCIUM ION'                                      CA  
4 'CHLORIDE ION'                                     CL  
5 'ACETIC ACID'                                      ACY 
6 water                                              HOH 
# 
loop_
_entity_poly_seq.entity_id 
_entity_poly_seq.num 
_entity_poly_seq.mon_id 
_entity_poly_seq.hetero 
1 1  9GE n 
1 2  ASP n 
1 3  DNP n 
1 4  CPI n 
1 5  GLY n 
1 6  ASP n 
1 7  GLY n 
1 8  ASP n 
1 9  GLY n 
1 10 2TL n 
1 11 ILE n 
1 12 PRO n 
# 
_pdbx_entity_src_syn.entity_id              1 
_pdbx_entity_src_syn.pdbx_src_id            1 
_pdbx_entity_src_syn.pdbx_alt_source_flag   sample 
_pdbx_entity_src_syn.pdbx_beg_seq_num       1 
_pdbx_entity_src_syn.pdbx_end_seq_num       12 
_pdbx_entity_src_syn.organism_scientific    'Streptomyces viridochromogenes' 
_pdbx_entity_src_syn.organism_common_name   ? 
_pdbx_entity_src_syn.ncbi_taxonomy_id       1938 
_pdbx_entity_src_syn.details                ? 
# 
loop_
_chem_comp.id 
_chem_comp.type 
_chem_comp.mon_nstd_flag 
_chem_comp.name 
_chem_comp.pdbx_synonyms 
_chem_comp.formula 
_chem_comp.formula_weight 
2TL 'D-peptide linking' . D-allothreonine                                    ? 'C4 H9 N O3'    119.119 
9GB non-polymer         . '[(~{E})-3-methylhex-2-enyl] dihydrogen phosphate' ? 'C7 H15 O4 P'   194.165 
9GE non-polymer         . '(~{E})-13-methyltetradec-2-enoic acid'            ? 'C15 H28 O2'    240.382 
ACY non-polymer         . 'ACETIC ACID'                                      ? 'C2 H4 O2'      60.052  
ASP 'L-peptide linking' y 'ASPARTIC ACID'                                    ? 'C4 H7 N O4'    133.103 
CA  non-polymer         . 'CALCIUM ION'                                      ? 'Ca 2'          40.078  
CL  non-polymer         . 'CHLORIDE ION'                                     ? 'Cl -1'         35.453  
CPI 'D-peptide linking' . 6-CARBOXYPIPERIDINE                                ? 'C6 H11 N O2'   129.157 
DNP 'L-peptide linking' n 3-AMINO-ALANINE                                    ? 'C3 H9 N2 O2 1' 105.116 
GLY 'peptide linking'   y GLYCINE                                            ? 'C2 H5 N O2'    75.067  
HOH non-polymer         . WATER                                              ? 'H2 O'          18.015  
ILE 'L-peptide linking' y ISOLEUCINE                                         ? 'C6 H13 N O2'   131.173 
PRO 'L-peptide linking' y PROLINE                                            ? 'C5 H9 N O2'    115.130 
# 
loop_
_pdbx_poly_seq_scheme.asym_id 
_pdbx_poly_seq_scheme.entity_id 
_pdbx_poly_seq_scheme.seq_id 
_pdbx_poly_seq_scheme.mon_id 
_pdbx_poly_seq_scheme.ndb_seq_num 
_pdbx_poly_seq_scheme.pdb_seq_num 
_pdbx_poly_seq_scheme.auth_seq_num 
_pdbx_poly_seq_scheme.pdb_mon_id 
_pdbx_poly_seq_scheme.auth_mon_id 
_pdbx_poly_seq_scheme.pdb_strand_id 
_pdbx_poly_seq_scheme.pdb_ins_code 
_pdbx_poly_seq_scheme.hetero 
A 1 1  9GE 1  1  0  9GE LCT A . n 
A 1 2  ASP 2  2  1  ASP ASP A . n 
A 1 3  DNP 3  3  2  DNP ASI A . n 
A 1 4  CPI 4  4  3  CPI CPE A . n 
A 1 5  GLY 5  5  4  GLY GLY A . n 
A 1 6  ASP 6  6  5  ASP ASP A . n 
A 1 7  GLY 7  7  6  GLY GLY A . n 
A 1 8  ASP 8  8  7  ASP ASP A . n 
A 1 9  GLY 9  9  8  GLY GLY A . n 
A 1 10 2TL 10 10 9  2TL ALV A . n 
A 1 11 ILE 11 11 10 ILE ILE A . n 
A 1 12 PRO 12 12 11 PRO PRO A . n 
B 1 1  9GE 1  1  0  9GE LCT B . n 
B 1 2  ASP 2  2  1  ASP ASP B . n 
B 1 3  DNP 3  3  2  DNP ASI B . n 
B 1 4  CPI 4  4  3  CPI CPE B . n 
B 1 5  GLY 5  5  4  GLY GLY B . n 
B 1 6  ASP 6  6  5  ASP ASP B . n 
B 1 7  GLY 7  7  6  GLY GLY B . n 
B 1 8  ASP 8  8  7  ASP ASP B . n 
B 1 9  GLY 9  9  8  GLY GLY B . n 
B 1 10 2TL 10 10 9  2TL ALV B . n 
B 1 11 ILE 11 11 10 ILE ILE B . n 
B 1 12 PRO 12 12 11 PRO PRO B . n 
# 
loop_
_pdbx_nonpoly_scheme.asym_id 
_pdbx_nonpoly_scheme.entity_id 
_pdbx_nonpoly_scheme.mon_id 
_pdbx_nonpoly_scheme.ndb_seq_num 
_pdbx_nonpoly_scheme.pdb_seq_num 
_pdbx_nonpoly_scheme.auth_seq_num 
_pdbx_nonpoly_scheme.pdb_mon_id 
_pdbx_nonpoly_scheme.auth_mon_id 
_pdbx_nonpoly_scheme.pdb_strand_id 
_pdbx_nonpoly_scheme.pdb_ins_code 
C 2 9GB 1 101 1  9GB GPQ A . 
D 3 CA  1 102 1  CA  CA  A . 
E 3 CA  1 103 2  CA  CA  A . 
F 4 CL  1 104 1  CL  CL  A . 
G 5 ACY 1 105 2  ACY ACY A . 
H 5 ACY 1 106 3  ACY ACY A . 
I 2 9GB 1 101 2  9GB GPQ B . 
J 3 CA  1 102 3  CA  CA  B . 
K 3 CA  1 103 4  CA  CA  B . 
L 5 ACY 1 104 1  ACY ACY B . 
M 6 HOH 1 201 6  HOH HOH A . 
M 6 HOH 2 202 4  HOH HOH A . 
M 6 HOH 3 203 8  HOH HOH A . 
M 6 HOH 4 204 9  HOH HOH A . 
M 6 HOH 5 205 3  HOH HOH A . 
M 6 HOH 6 206 10 HOH HOH A . 
M 6 HOH 7 207 7  HOH HOH A . 
M 6 HOH 8 208 5  HOH HOH A . 
M 6 HOH 9 209 15 HOH HOH A . 
N 6 HOH 1 201 16 HOH HOH B . 
N 6 HOH 2 202 11 HOH HOH B . 
N 6 HOH 3 203 13 HOH HOH B . 
N 6 HOH 4 204 12 HOH HOH B . 
N 6 HOH 5 205 1  HOH HOH B . 
N 6 HOH 6 206 2  HOH HOH B . 
N 6 HOH 7 207 17 HOH HOH B . 
N 6 HOH 8 208 14 HOH HOH B . 
# 
loop_
_pdbx_unobs_or_zero_occ_atoms.id 
_pdbx_unobs_or_zero_occ_atoms.PDB_model_num 
_pdbx_unobs_or_zero_occ_atoms.polymer_flag 
_pdbx_unobs_or_zero_occ_atoms.occupancy_flag 
_pdbx_unobs_or_zero_occ_atoms.auth_asym_id 
_pdbx_unobs_or_zero_occ_atoms.auth_comp_id 
_pdbx_unobs_or_zero_occ_atoms.auth_seq_id 
_pdbx_unobs_or_zero_occ_atoms.PDB_ins_code 
_pdbx_unobs_or_zero_occ_atoms.auth_atom_id 
_pdbx_unobs_or_zero_occ_atoms.label_alt_id 
_pdbx_unobs_or_zero_occ_atoms.label_asym_id 
_pdbx_unobs_or_zero_occ_atoms.label_comp_id 
_pdbx_unobs_or_zero_occ_atoms.label_seq_id 
_pdbx_unobs_or_zero_occ_atoms.label_atom_id 
1  1 Y 1 A 9GE 1   ? C1  ? A 9GE 1 C1  
2  1 Y 1 A 9GE 1   ? C2  ? A 9GE 1 C2  
3  1 Y 1 A 9GE 1   ? C3  ? A 9GE 1 C3  
4  1 Y 1 A 9GE 1   ? C4  ? A 9GE 1 C4  
5  1 Y 1 A 9GE 1   ? C5  ? A 9GE 1 C5  
6  1 Y 1 A 9GE 1   ? C6  ? A 9GE 1 C6  
7  1 Y 1 A 9GE 1   ? C7  ? A 9GE 1 C7  
8  1 Y 1 A 9GE 1   ? C8  ? A 9GE 1 C8  
9  1 Y 1 A 9GE 1   ? C9  ? A 9GE 1 C9  
10 1 Y 1 A 9GE 1   ? C10 ? A 9GE 1 C10 
11 1 Y 1 B 9GE 1   ? C1  ? B 9GE 1 C1  
12 1 Y 1 B 9GE 1   ? C2  ? B 9GE 1 C2  
13 1 Y 1 B 9GE 1   ? C3  ? B 9GE 1 C3  
14 1 Y 1 B 9GE 1   ? C4  ? B 9GE 1 C4  
15 1 Y 1 B 9GE 1   ? C5  ? B 9GE 1 C5  
16 1 Y 1 B 9GE 1   ? C6  ? B 9GE 1 C6  
17 1 Y 1 B 9GE 1   ? C7  ? B 9GE 1 C7  
18 1 Y 1 B 9GE 1   ? C8  ? B 9GE 1 C8  
19 1 Y 1 B 9GE 1   ? C9  ? B 9GE 1 C9  
20 1 Y 1 B 9GE 1   ? C10 ? B 9GE 1 C10 
21 1 N 1 A 9GB 101 ? C7  ? C 9GB 1 C7  
# 
loop_
_software.citation_id 
_software.classification 
_software.compiler_name 
_software.compiler_version 
_software.contact_author 
_software.contact_author_email 
_software.date 
_software.description 
_software.dependencies 
_software.hardware 
_software.language 
_software.location 
_software.mods 
_software.name 
_software.os 
_software.os_version 
_software.type 
_software.version 
_software.pdbx_ordinal 
? refinement        ? ? ? ? ? ? ? ? ? ? ? REFMAC      ? ? ? 5.8.0158 1 
? 'data extraction' ? ? ? ? ? ? ? ? ? ? ? PDB_EXTRACT ? ? ? 3.22     2 
? 'data reduction'  ? ? ? ? ? ? ? ? ? ? ? iMOSFLM     ? ? ? .        3 
? 'data scaling'    ? ? ? ? ? ? ? ? ? ? ? Aimless     ? ? ? .        4 
? phasing           ? ? ? ? ? ? ? ? ? ? ? SHELXCD     ? ? ? .        5 
# 
_cell.entry_id           5O0Z 
_cell.length_a           56.933 
_cell.length_b           56.933 
_cell.length_c           56.933 
_cell.angle_alpha        90.00 
_cell.angle_beta         90.00 
_cell.angle_gamma        90.00 
_cell.Z_PDB              48 
_cell.pdbx_unique_axis   ? 
# 
_symmetry.entry_id                         5O0Z 
_symmetry.space_group_name_H-M             'P 43 3 2' 
_symmetry.pdbx_full_space_group_name_H-M   ? 
_symmetry.cell_setting                     ? 
_symmetry.Int_Tables_number                212 
# 
_exptl.absorpt_coefficient_mu     ? 
_exptl.absorpt_correction_T_max   ? 
_exptl.absorpt_correction_T_min   ? 
_exptl.absorpt_correction_type    ? 
_exptl.absorpt_process_details    ? 
_exptl.entry_id                   5O0Z 
_exptl.crystals_number            1 
_exptl.details                    ? 
_exptl.method                     'X-RAY DIFFRACTION' 
_exptl.method_details             ? 
# 
_exptl_crystal.colour                      ? 
_exptl_crystal.density_diffrn              ? 
_exptl_crystal.density_Matthews            3.05 
_exptl_crystal.density_method              ? 
_exptl_crystal.density_percent_sol         59.62 
_exptl_crystal.description                 ? 
_exptl_crystal.F_000                       ? 
_exptl_crystal.id                          1 
_exptl_crystal.preparation                 ? 
_exptl_crystal.size_max                    ? 
_exptl_crystal.size_mid                    ? 
_exptl_crystal.size_min                    ? 
_exptl_crystal.size_rad                    ? 
_exptl_crystal.colour_lustre               ? 
_exptl_crystal.colour_modifier             ? 
_exptl_crystal.colour_primary              ? 
_exptl_crystal.density_meas                ? 
_exptl_crystal.density_meas_esd            ? 
_exptl_crystal.density_meas_gt             ? 
_exptl_crystal.density_meas_lt             ? 
_exptl_crystal.density_meas_temp           ? 
_exptl_crystal.density_meas_temp_esd       ? 
_exptl_crystal.density_meas_temp_gt        ? 
_exptl_crystal.density_meas_temp_lt        ? 
_exptl_crystal.pdbx_crystal_image_url      ? 
_exptl_crystal.pdbx_crystal_image_format   ? 
_exptl_crystal.pdbx_mosaicity              ? 
_exptl_crystal.pdbx_mosaicity_esd          ? 
# 
_exptl_crystal_grow.apparatus       ? 
_exptl_crystal_grow.atmosphere      ? 
_exptl_crystal_grow.crystal_id      1 
_exptl_crystal_grow.details         ? 
_exptl_crystal_grow.method          'VAPOR DIFFUSION, SITTING DROP' 
_exptl_crystal_grow.method_ref      ? 
_exptl_crystal_grow.pH              7.5 
_exptl_crystal_grow.pressure        ? 
_exptl_crystal_grow.pressure_esd    ? 
_exptl_crystal_grow.seeding         ? 
_exptl_crystal_grow.seeding_ref     ? 
_exptl_crystal_grow.temp            293.15 
_exptl_crystal_grow.temp_details    ? 
_exptl_crystal_grow.temp_esd        ? 
_exptl_crystal_grow.time            ? 
_exptl_crystal_grow.pdbx_details    '20 mM CaCl2 and 37.5% v/v MPD' 
_exptl_crystal_grow.pdbx_pH_range   ? 
# 
_diffrn.ambient_environment    ? 
_diffrn.ambient_temp           100 
_diffrn.ambient_temp_details   ? 
_diffrn.ambient_temp_esd       ? 
_diffrn.crystal_id             1 
_diffrn.crystal_support        ? 
_diffrn.crystal_treatment      ? 
_diffrn.details                ? 
_diffrn.id                     1 
_diffrn.ambient_pressure       ? 
_diffrn.ambient_pressure_esd   ? 
_diffrn.ambient_pressure_gt    ? 
_diffrn.ambient_pressure_lt    ? 
_diffrn.ambient_temp_gt        ? 
_diffrn.ambient_temp_lt        ? 
# 
_diffrn_detector.details                      ? 
_diffrn_detector.detector                     PIXEL 
_diffrn_detector.diffrn_id                    1 
_diffrn_detector.type                         'DECTRIS PILATUS 2M-F' 
_diffrn_detector.area_resol_mean              ? 
_diffrn_detector.dtime                        ? 
_diffrn_detector.pdbx_frames_total            ? 
_diffrn_detector.pdbx_collection_time_total   ? 
_diffrn_detector.pdbx_collection_date         2016-02-17 
# 
_diffrn_radiation.collimation                      ? 
_diffrn_radiation.diffrn_id                        1 
_diffrn_radiation.filter_edge                      ? 
_diffrn_radiation.inhomogeneity                    ? 
_diffrn_radiation.monochromator                    ? 
_diffrn_radiation.polarisn_norm                    ? 
_diffrn_radiation.polarisn_ratio                   ? 
_diffrn_radiation.probe                            ? 
_diffrn_radiation.type                             ? 
_diffrn_radiation.xray_symbol                      ? 
_diffrn_radiation.wavelength_id                    1 
_diffrn_radiation.pdbx_monochromatic_or_laue_m_l   M 
_diffrn_radiation.pdbx_wavelength_list             ? 
_diffrn_radiation.pdbx_wavelength                  ? 
_diffrn_radiation.pdbx_diffrn_protocol             'SINGLE WAVELENGTH' 
_diffrn_radiation.pdbx_analyzer                    ? 
_diffrn_radiation.pdbx_scattering_type             x-ray 
# 
_diffrn_radiation_wavelength.id           1 
_diffrn_radiation_wavelength.wavelength   0.873 
_diffrn_radiation_wavelength.wt           1.0 
# 
_diffrn_source.current                     ? 
_diffrn_source.details                     ? 
_diffrn_source.diffrn_id                   1 
_diffrn_source.power                       ? 
_diffrn_source.size                        ? 
_diffrn_source.source                      SYNCHROTRON 
_diffrn_source.target                      ? 
_diffrn_source.type                        'ESRF BEAMLINE ID23-2' 
_diffrn_source.voltage                     ? 
_diffrn_source.take-off_angle              ? 
_diffrn_source.pdbx_wavelength_list        0.873 
_diffrn_source.pdbx_wavelength             ? 
_diffrn_source.pdbx_synchrotron_beamline   ID23-2 
_diffrn_source.pdbx_synchrotron_site       ESRF 
# 
_reflns.B_iso_Wilson_estimate            ? 
_reflns.entry_id                         5O0Z 
_reflns.data_reduction_details           ? 
_reflns.data_reduction_method            ? 
_reflns.d_resolution_high                1.28 
_reflns.d_resolution_low                 28.47 
_reflns.details                          ? 
_reflns.limit_h_max                      ? 
_reflns.limit_h_min                      ? 
_reflns.limit_k_max                      ? 
_reflns.limit_k_min                      ? 
_reflns.limit_l_max                      ? 
_reflns.limit_l_min                      ? 
_reflns.number_all                       ? 
_reflns.number_obs                       8650 
_reflns.observed_criterion               ? 
_reflns.observed_criterion_F_max         ? 
_reflns.observed_criterion_F_min         ? 
_reflns.observed_criterion_I_max         ? 
_reflns.observed_criterion_I_min         ? 
_reflns.observed_criterion_sigma_F       ? 
_reflns.observed_criterion_sigma_I       ? 
_reflns.percent_possible_obs             100 
_reflns.R_free_details                   ? 
_reflns.Rmerge_F_all                     ? 
_reflns.Rmerge_F_obs                     ? 
_reflns.Friedel_coverage                 ? 
_reflns.number_gt                        ? 
_reflns.threshold_expression             ? 
_reflns.pdbx_redundancy                  9.4 
_reflns.pdbx_Rmerge_I_obs                0.067 
_reflns.pdbx_Rmerge_I_all                ? 
_reflns.pdbx_Rsym_value                  ? 
_reflns.pdbx_netI_over_av_sigmaI         ? 
_reflns.pdbx_netI_over_sigmaI            15 
_reflns.pdbx_res_netI_over_av_sigmaI_2   ? 
_reflns.pdbx_res_netI_over_sigmaI_2      ? 
_reflns.pdbx_chi_squared                 ? 
_reflns.pdbx_scaling_rejects             ? 
_reflns.pdbx_d_res_high_opt              ? 
_reflns.pdbx_d_res_low_opt               ? 
_reflns.pdbx_d_res_opt_method            ? 
_reflns.phase_calculation_details        ? 
_reflns.pdbx_Rrim_I_all                  ? 
_reflns.pdbx_Rpim_I_all                  0.032 
_reflns.pdbx_d_opt                       ? 
_reflns.pdbx_number_measured_all         ? 
_reflns.pdbx_diffrn_id                   1 
_reflns.pdbx_ordinal                     1 
_reflns.pdbx_CC_half                     0.994 
_reflns.pdbx_R_split                     ? 
# 
_refine.pdbx_refine_id                           'X-RAY DIFFRACTION' 
_refine.entry_id                                 5O0Z 
_refine.pdbx_diffrn_id                           1 
_refine.pdbx_TLS_residual_ADP_flag               ? 
_refine.ls_number_reflns_obs                     8170 
_refine.ls_number_reflns_all                     ? 
_refine.pdbx_ls_sigma_I                          ? 
_refine.pdbx_ls_sigma_F                          ? 
_refine.pdbx_data_cutoff_high_absF               ? 
_refine.pdbx_data_cutoff_low_absF                ? 
_refine.pdbx_data_cutoff_high_rms_absF           ? 
_refine.ls_d_res_low                             40.26 
_refine.ls_d_res_high                            1.28 
_refine.ls_percent_reflns_obs                    99.97 
_refine.ls_R_factor_obs                          0.14605 
_refine.ls_R_factor_all                          ? 
_refine.ls_R_factor_R_work                       0.14503 
_refine.ls_R_factor_R_free                       0.16506 
_refine.ls_R_factor_R_free_error                 ? 
_refine.ls_R_factor_R_free_error_details         ? 
_refine.ls_percent_reflns_R_free                 5.1 
_refine.ls_number_reflns_R_free                  435 
_refine.ls_number_parameters                     ? 
_refine.ls_number_restraints                     ? 
_refine.occupancy_min                            ? 
_refine.occupancy_max                            ? 
_refine.correlation_coeff_Fo_to_Fc               0.976 
_refine.correlation_coeff_Fo_to_Fc_free          0.980 
_refine.B_iso_mean                               20.443 
_refine.aniso_B[1][1]                            0.00 
_refine.aniso_B[2][2]                            0.00 
_refine.aniso_B[3][3]                            0.00 
_refine.aniso_B[1][2]                            0.00 
_refine.aniso_B[1][3]                            0.00 
_refine.aniso_B[2][3]                            0.00 
_refine.solvent_model_details                    MASK 
_refine.solvent_model_param_ksol                 ? 
_refine.solvent_model_param_bsol                 ? 
_refine.pdbx_solvent_vdw_probe_radii             1.20 
_refine.pdbx_solvent_ion_probe_radii             0.80 
_refine.pdbx_solvent_shrinkage_radii             0.80 
_refine.pdbx_ls_cross_valid_method               THROUGHOUT 
_refine.details                                  'HYDROGENS HAVE BEEN ADDED IN THE RIDING POSITIONS' 
_refine.pdbx_starting_model                      ? 
_refine.pdbx_method_to_determine_struct          SIRAS 
_refine.pdbx_isotropic_thermal_model             ? 
_refine.pdbx_stereochemistry_target_values       'MAXIMUM LIKELIHOOD' 
_refine.pdbx_stereochem_target_val_spec_case     ? 
_refine.pdbx_R_Free_selection_details            RANDOM 
_refine.pdbx_overall_ESU_R                       0.035 
_refine.pdbx_overall_ESU_R_Free                  0.035 
_refine.overall_SU_ML                            0.025 
_refine.pdbx_overall_phase_error                 ? 
_refine.overall_SU_B                             1.383 
_refine.overall_SU_R_Cruickshank_DPI             ? 
_refine.pdbx_overall_SU_R_free_Cruickshank_DPI   ? 
_refine.pdbx_overall_SU_R_Blow_DPI               ? 
_refine.pdbx_overall_SU_R_free_Blow_DPI          ? 
# 
_refine_hist.pdbx_refine_id                   'X-RAY DIFFRACTION' 
_refine_hist.cycle_id                         1 
_refine_hist.pdbx_number_atoms_protein        156 
_refine_hist.pdbx_number_atoms_nucleic_acid   0 
_refine_hist.pdbx_number_atoms_ligand         40 
_refine_hist.number_atoms_solvent             17 
_refine_hist.number_atoms_total               213 
_refine_hist.d_res_high                       1.28 
_refine_hist.d_res_low                        40.26 
# 
loop_
_refine_ls_restr.type 
_refine_ls_restr.dev_ideal 
_refine_ls_restr.dev_ideal_target 
_refine_ls_restr.weight 
_refine_ls_restr.number 
_refine_ls_restr.pdbx_refine_id 
_refine_ls_restr.pdbx_restraint_function 
r_bond_refined_d             0.019  0.020  ? 188 'X-RAY DIFFRACTION' ? 
r_bond_other_d               0.005  0.020  ? 161 'X-RAY DIFFRACTION' ? 
r_angle_refined_deg          1.862  2.258  ? 246 'X-RAY DIFFRACTION' ? 
r_angle_other_deg            0.850  2.982  ? 373 'X-RAY DIFFRACTION' ? 
r_dihedral_angle_1_deg       5.499  5.000  ? 22  'X-RAY DIFFRACTION' ? 
r_dihedral_angle_2_deg       28.217 30.000 ? 6   'X-RAY DIFFRACTION' ? 
r_dihedral_angle_3_deg       12.178 15.000 ? 12  'X-RAY DIFFRACTION' ? 
r_dihedral_angle_4_deg       ?      ?      ? ?   'X-RAY DIFFRACTION' ? 
r_chiral_restr               2.078  0.200  ? 20  'X-RAY DIFFRACTION' ? 
r_gen_planes_refined         0.009  0.021  ? 202 'X-RAY DIFFRACTION' ? 
r_gen_planes_other           0.003  0.020  ? 22  'X-RAY DIFFRACTION' ? 
r_nbd_refined                ?      ?      ? ?   'X-RAY DIFFRACTION' ? 
r_nbd_other                  ?      ?      ? ?   'X-RAY DIFFRACTION' ? 
r_nbtor_refined              ?      ?      ? ?   'X-RAY DIFFRACTION' ? 
r_nbtor_other                ?      ?      ? ?   'X-RAY DIFFRACTION' ? 
r_xyhbond_nbd_refined        ?      ?      ? ?   'X-RAY DIFFRACTION' ? 
r_xyhbond_nbd_other          ?      ?      ? ?   'X-RAY DIFFRACTION' ? 
r_metal_ion_refined          ?      ?      ? ?   'X-RAY DIFFRACTION' ? 
r_metal_ion_other            ?      ?      ? ?   'X-RAY DIFFRACTION' ? 
r_symmetry_vdw_refined       ?      ?      ? ?   'X-RAY DIFFRACTION' ? 
r_symmetry_vdw_other         ?      ?      ? ?   'X-RAY DIFFRACTION' ? 
r_symmetry_hbond_refined     ?      ?      ? ?   'X-RAY DIFFRACTION' ? 
r_symmetry_hbond_other       ?      ?      ? ?   'X-RAY DIFFRACTION' ? 
r_symmetry_metal_ion_refined ?      ?      ? ?   'X-RAY DIFFRACTION' ? 
r_symmetry_metal_ion_other   ?      ?      ? ?   'X-RAY DIFFRACTION' ? 
r_mcbond_it                  2.190  1.818  ? 95  'X-RAY DIFFRACTION' ? 
r_mcbond_other               1.768  1.686  ? 91  'X-RAY DIFFRACTION' ? 
r_mcangle_it                 2.312  2.555  ? 112 'X-RAY DIFFRACTION' ? 
r_mcangle_other              2.303  2.554  ? 113 'X-RAY DIFFRACTION' ? 
r_scbond_it                  4.626  2.316  ? 93  'X-RAY DIFFRACTION' ? 
r_scbond_other               4.602  2.340  ? 94  'X-RAY DIFFRACTION' ? 
r_scangle_it                 ?      ?      ? ?   'X-RAY DIFFRACTION' ? 
r_scangle_other              5.155  3.329  ? 135 'X-RAY DIFFRACTION' ? 
r_long_range_B_refined       3.442  25.513 ? 241 'X-RAY DIFFRACTION' ? 
r_long_range_B_other         3.400  25.543 ? 241 'X-RAY DIFFRACTION' ? 
r_rigid_bond_restr           2.788  3.000  ? 341 'X-RAY DIFFRACTION' ? 
r_sphericity_free            33.601 5.000  ? 8   'X-RAY DIFFRACTION' ? 
r_sphericity_bonded          13.599 5.000  ? 360 'X-RAY DIFFRACTION' ? 
# 
_refine_ls_shell.pdbx_refine_id                   'X-RAY DIFFRACTION' 
_refine_ls_shell.pdbx_total_number_of_bins_used   20 
_refine_ls_shell.d_res_high                       1.280 
_refine_ls_shell.d_res_low                        1.314 
_refine_ls_shell.number_reflns_R_work             580 
_refine_ls_shell.R_factor_R_work                  0.331 
_refine_ls_shell.percent_reflns_obs               100.00 
_refine_ls_shell.R_factor_R_free                  0.312 
_refine_ls_shell.R_factor_R_free_error            ? 
_refine_ls_shell.percent_reflns_R_free            ? 
_refine_ls_shell.number_reflns_R_free             33 
_refine_ls_shell.number_reflns_all                ? 
_refine_ls_shell.R_factor_all                     ? 
_refine_ls_shell.R_factor_obs                     ? 
_refine_ls_shell.number_reflns_obs                ? 
# 
_struct.entry_id                     5O0Z 
_struct.title                        'Structure of laspartomycin C in complex with geranyl-phosphate' 
_struct.pdbx_model_details           ? 
_struct.pdbx_formula_weight          ? 
_struct.pdbx_formula_weight_method   ? 
_struct.pdbx_model_type_details      ? 
_struct.pdbx_CASP_flag               N 
# 
_struct_keywords.entry_id        5O0Z 
_struct_keywords.text            'antibiotic complex, antibiotic' 
_struct_keywords.pdbx_keywords   ANTIBIOTIC 
# 
loop_
_struct_asym.id 
_struct_asym.pdbx_blank_PDB_chainid_flag 
_struct_asym.pdbx_modified 
_struct_asym.entity_id 
_struct_asym.details 
A N N 1 ? 
B N N 1 ? 
C N N 2 ? 
D N N 3 ? 
E N N 3 ? 
F N N 4 ? 
G N N 5 ? 
H N N 5 ? 
I N N 2 ? 
J N N 3 ? 
K N N 3 ? 
L N N 5 ? 
M N N 6 ? 
N N N 6 ? 
# 
_struct_ref.id                         1 
_struct_ref.db_name                    PDB 
_struct_ref.db_code                    5O0Z 
_struct_ref.pdbx_db_accession          5O0Z 
_struct_ref.pdbx_db_isoform            ? 
_struct_ref.entity_id                  1 
_struct_ref.pdbx_seq_one_letter_code   ? 
_struct_ref.pdbx_align_begin           1 
# 
loop_
_struct_ref_seq.align_id 
_struct_ref_seq.ref_id 
_struct_ref_seq.pdbx_PDB_id_code 
_struct_ref_seq.pdbx_strand_id 
_struct_ref_seq.seq_align_beg 
_struct_ref_seq.pdbx_seq_align_beg_ins_code 
_struct_ref_seq.seq_align_end 
_struct_ref_seq.pdbx_seq_align_end_ins_code 
_struct_ref_seq.pdbx_db_accession 
_struct_ref_seq.db_align_beg 
_struct_ref_seq.pdbx_db_align_beg_ins_code 
_struct_ref_seq.db_align_end 
_struct_ref_seq.pdbx_db_align_end_ins_code 
_struct_ref_seq.pdbx_auth_seq_align_beg 
_struct_ref_seq.pdbx_auth_seq_align_end 
1 1 5O0Z A 1 ? 12 ? 5O0Z 1 ? 12 ? 1 12 
2 1 5O0Z B 1 ? 12 ? 5O0Z 1 ? 12 ? 1 12 
# 
_pdbx_struct_assembly.id                   1 
_pdbx_struct_assembly.details              author_and_software_defined_assembly 
_pdbx_struct_assembly.method_details       PISA 
_pdbx_struct_assembly.oligomeric_details   tetrameric 
_pdbx_struct_assembly.oligomeric_count     4 
# 
loop_
_pdbx_struct_assembly_prop.biol_id 
_pdbx_struct_assembly_prop.type 
_pdbx_struct_assembly_prop.value 
_pdbx_struct_assembly_prop.details 
1 'ABSA (A^2)' 2920 ? 
1 MORE         -69  ? 
1 'SSA (A^2)'  3910 ? 
# 
_pdbx_struct_assembly_gen.assembly_id       1 
_pdbx_struct_assembly_gen.oper_expression   1,2 
_pdbx_struct_assembly_gen.asym_id_list      A,B,C,D,E,F,G,H,I,J,K,L,M,N 
# 
_pdbx_struct_assembly_auth_evidence.id                     1 
_pdbx_struct_assembly_auth_evidence.assembly_id            1 
_pdbx_struct_assembly_auth_evidence.experimental_support   'mass spectrometry' 
_pdbx_struct_assembly_auth_evidence.details                ? 
# 
loop_
_pdbx_struct_oper_list.id 
_pdbx_struct_oper_list.type 
_pdbx_struct_oper_list.name 
_pdbx_struct_oper_list.symmetry_operation 
_pdbx_struct_oper_list.matrix[1][1] 
_pdbx_struct_oper_list.matrix[1][2] 
_pdbx_struct_oper_list.matrix[1][3] 
_pdbx_struct_oper_list.vector[1] 
_pdbx_struct_oper_list.matrix[2][1] 
_pdbx_struct_oper_list.matrix[2][2] 
_pdbx_struct_oper_list.matrix[2][3] 
_pdbx_struct_oper_list.vector[2] 
_pdbx_struct_oper_list.matrix[3][1] 
_pdbx_struct_oper_list.matrix[3][2] 
_pdbx_struct_oper_list.matrix[3][3] 
_pdbx_struct_oper_list.vector[3] 
1 'identity operation'         1_555  x,y,z                1.0000000000  0.0000000000  0.0000000000  0.0000000000   0.0000000000  1.0000000000  0.0000000000 0.0000000000   0.0000000000  0.0000000000 1.0000000000 0.0000000000  
2 'crystal symmetry operation' 19_666 -x+5/4,-z+5/4,-y+5/4 -0.9237673505 -0.0734548509 -0.3758434075 -19.1771617175 -0.0734548509 -0.9292217290 0.3621482613 -12.3223693740 -0.3758434075 0.3621482613 0.8529890796 -1.4814362335 
# 
loop_
_struct_conn.id 
_struct_conn.conn_type_id 
_struct_conn.pdbx_leaving_atom_flag 
_struct_conn.pdbx_PDB_id 
_struct_conn.ptnr1_label_asym_id 
_struct_conn.ptnr1_label_comp_id 
_struct_conn.ptnr1_label_seq_id 
_struct_conn.ptnr1_label_atom_id 
_struct_conn.pdbx_ptnr1_label_alt_id 
_struct_conn.pdbx_ptnr1_PDB_ins_code 
_struct_conn.pdbx_ptnr1_standard_comp_id 
_struct_conn.ptnr1_symmetry 
_struct_conn.ptnr2_label_asym_id 
_struct_conn.ptnr2_label_comp_id 
_struct_conn.ptnr2_label_seq_id 
_struct_conn.ptnr2_label_atom_id 
_struct_conn.pdbx_ptnr2_label_alt_id 
_struct_conn.pdbx_ptnr2_PDB_ins_code 
_struct_conn.ptnr1_auth_asym_id 
_struct_conn.ptnr1_auth_comp_id 
_struct_conn.ptnr1_auth_seq_id 
_struct_conn.ptnr2_auth_asym_id 
_struct_conn.ptnr2_auth_comp_id 
_struct_conn.ptnr2_auth_seq_id 
_struct_conn.ptnr2_symmetry 
_struct_conn.pdbx_ptnr3_label_atom_id 
_struct_conn.pdbx_ptnr3_label_seq_id 
_struct_conn.pdbx_ptnr3_label_comp_id 
_struct_conn.pdbx_ptnr3_label_asym_id 
_struct_conn.pdbx_ptnr3_label_alt_id 
_struct_conn.pdbx_ptnr3_PDB_ins_code 
_struct_conn.details 
_struct_conn.pdbx_dist_value 
_struct_conn.pdbx_value_order 
_struct_conn.pdbx_role 
covale1  covale both ? A 9GE 1  C   ? ? ? 1_555 A ASP 2  N  ? ? A 9GE 1   A ASP 2   1_555 ? ? ? ? ? ? ? 1.344 ? ? 
covale2  covale both ? A ASP 2  C   ? ? ? 1_555 A DNP 3  N  ? ? A ASP 2   A DNP 3   1_555 ? ? ? ? ? ? ? 1.333 ? ? 
covale3  covale both ? A DNP 3  C   ? ? ? 1_555 A CPI 4  N  ? ? A DNP 3   A CPI 4   1_555 ? ? ? ? ? ? ? 1.346 ? ? 
covale4  covale one  ? A DNP 3  NG  ? ? ? 1_555 A PRO 12 C  ? ? A DNP 3   A PRO 12  1_555 ? ? ? ? ? ? ? 1.444 ? ? 
covale5  covale both ? A CPI 4  C   ? ? ? 1_555 A GLY 5  N  ? ? A CPI 4   A GLY 5   1_555 ? ? ? ? ? ? ? 1.338 ? ? 
covale6  covale both ? A GLY 9  C   ? ? ? 1_555 A 2TL 10 N  ? ? A GLY 9   A 2TL 10  1_555 ? ? ? ? ? ? ? 1.328 ? ? 
covale7  covale both ? A 2TL 10 C   ? ? ? 1_555 A ILE 11 N  ? ? A 2TL 10  A ILE 11  1_555 ? ? ? ? ? ? ? 1.331 ? ? 
covale8  covale both ? B 9GE 1  C   ? ? ? 1_555 B ASP 2  N  ? ? B 9GE 1   B ASP 2   1_555 ? ? ? ? ? ? ? 1.342 ? ? 
covale9  covale both ? B ASP 2  C   ? ? ? 1_555 B DNP 3  N  ? ? B ASP 2   B DNP 3   1_555 ? ? ? ? ? ? ? 1.328 ? ? 
covale10 covale both ? B DNP 3  C   ? ? ? 1_555 B CPI 4  N  ? ? B DNP 3   B CPI 4   1_555 ? ? ? ? ? ? ? 1.349 ? ? 
covale11 covale one  ? B DNP 3  NG  ? ? ? 1_555 B PRO 12 C  ? ? B DNP 3   B PRO 12  1_555 ? ? ? ? ? ? ? 1.467 ? ? 
covale12 covale both ? B CPI 4  C   ? ? ? 1_555 B GLY 5  N  ? ? B CPI 4   B GLY 5   1_555 ? ? ? ? ? ? ? 1.340 ? ? 
covale13 covale both ? B GLY 9  C   ? ? ? 1_555 B 2TL 10 N  ? ? B GLY 9   B 2TL 10  1_555 ? ? ? ? ? ? ? 1.345 ? ? 
covale14 covale both ? B 2TL 10 C   ? ? ? 1_555 B ILE 11 N  ? ? B 2TL 10  B ILE 11  1_555 ? ? ? ? ? ? ? 1.325 ? ? 
metalc1  metalc ?    ? A 9GE 1  O   ? ? ? 1_555 E CA  .  CA ? ? A 9GE 1   A CA  103 1_555 ? ? ? ? ? ? ? 2.352 ? ? 
metalc2  metalc ?    ? A ASP 2  OD1 ? ? ? 1_555 E CA  .  CA ? ? A ASP 2   A CA  103 1_555 ? ? ? ? ? ? ? 2.318 ? ? 
metalc3  metalc ?    ? A DNP 3  O   ? ? ? 1_555 D CA  .  CA ? ? A DNP 3   A CA  102 1_555 ? ? ? ? ? ? ? 2.309 ? ? 
metalc4  metalc ?    ? A ASP 6  OD1 ? ? ? 1_555 D CA  .  CA ? ? A ASP 6   A CA  102 1_555 ? ? ? ? ? ? ? 2.318 ? ? 
metalc5  metalc ?    ? A GLY 7  O   ? ? ? 1_555 D CA  .  CA ? ? A GLY 7   A CA  102 1_555 ? ? ? ? ? ? ? 2.332 ? ? 
metalc6  metalc ?    ? A ASP 8  OD1 ? ? ? 1_555 E CA  .  CA ? ? A ASP 8   A CA  103 1_555 ? ? ? ? ? ? ? 2.300 ? ? 
metalc7  metalc ?    ? A GLY 9  O   ? ? ? 1_555 D CA  .  CA ? ? A GLY 9   A CA  102 1_555 ? ? ? ? ? ? ? 2.272 ? ? 
metalc8  metalc ?    ? A ILE 11 O   ? ? ? 1_555 D CA  .  CA ? ? A ILE 11  A CA  102 1_555 ? ? ? ? ? ? ? 2.320 ? ? 
metalc9  metalc ?    ? C 9GB .  O1A ? ? ? 1_555 D CA  .  CA ? ? A 9GB 101 A CA  102 1_555 ? ? ? ? ? ? ? 2.280 ? ? 
metalc10 metalc ?    ? C 9GB .  O2A ? ? ? 1_555 E CA  .  CA ? ? A 9GB 101 A CA  103 1_555 ? ? ? ? ? ? ? 2.241 ? ? 
metalc11 metalc ?    ? E CA  .  CA  ? ? ? 1_555 N HOH .  O  ? ? A CA  103 B HOH 205 1_555 ? ? ? ? ? ? ? 2.375 ? ? 
metalc12 metalc ?    ? E CA  .  CA  ? ? ? 1_555 N HOH .  O  ? ? A CA  103 B HOH 206 1_555 ? ? ? ? ? ? ? 2.382 ? ? 
metalc13 metalc ?    ? M HOH .  O   ? ? ? 1_555 K CA  .  CA ? ? A HOH 204 B CA  103 1_555 ? ? ? ? ? ? ? 2.365 ? ? 
metalc14 metalc ?    ? M HOH .  O   ? ? ? 1_555 K CA  .  CA ? ? A HOH 206 B CA  103 1_555 ? ? ? ? ? ? ? 2.333 ? ? 
metalc15 metalc ?    ? B 9GE 1  O   ? ? ? 1_555 K CA  .  CA ? ? B 9GE 1   B CA  103 1_555 ? ? ? ? ? ? ? 2.394 ? ? 
metalc16 metalc ?    ? B ASP 2  OD1 ? ? ? 1_555 K CA  .  CA ? ? B ASP 2   B CA  103 1_555 ? ? ? ? ? ? ? 2.332 ? ? 
metalc17 metalc ?    ? B DNP 3  O   ? ? ? 1_555 J CA  .  CA ? ? B DNP 3   B CA  102 1_555 ? ? ? ? ? ? ? 2.282 ? ? 
metalc18 metalc ?    ? B ASP 6  OD1 ? ? ? 1_555 J CA  .  CA ? ? B ASP 6   B CA  102 1_555 ? ? ? ? ? ? ? 2.307 ? ? 
metalc19 metalc ?    ? B GLY 7  O   ? ? ? 1_555 J CA  .  CA ? ? B GLY 7   B CA  102 1_555 ? ? ? ? ? ? ? 2.373 ? ? 
metalc20 metalc ?    ? B ASP 8  OD1 ? ? ? 1_555 K CA  .  CA ? ? B ASP 8   B CA  103 1_555 ? ? ? ? ? ? ? 2.283 ? ? 
metalc21 metalc ?    ? B GLY 9  O   ? ? ? 1_555 J CA  .  CA ? ? B GLY 9   B CA  102 1_555 ? ? ? ? ? ? ? 2.277 ? ? 
metalc22 metalc ?    ? B ILE 11 O   ? ? ? 1_555 J CA  .  CA ? ? B ILE 11  B CA  102 1_555 ? ? ? ? ? ? ? 2.314 ? ? 
metalc23 metalc ?    ? I 9GB .  O3A ? ? ? 1_555 J CA  .  CA ? ? B 9GB 101 B CA  102 1_555 ? ? ? ? ? ? ? 2.265 ? ? 
metalc24 metalc ?    ? I 9GB .  O2A ? ? ? 1_555 K CA  .  CA ? ? B 9GB 101 B CA  103 1_555 ? ? ? ? ? ? ? 2.264 ? ? 
# 
loop_
_struct_conn_type.id 
_struct_conn_type.criteria 
_struct_conn_type.reference 
covale ? ? 
metalc ? ? 
# 
loop_
_pdbx_struct_conn_angle.id 
_pdbx_struct_conn_angle.ptnr1_label_atom_id 
_pdbx_struct_conn_angle.ptnr1_label_alt_id 
_pdbx_struct_conn_angle.ptnr1_label_asym_id 
_pdbx_struct_conn_angle.ptnr1_label_comp_id 
_pdbx_struct_conn_angle.ptnr1_label_seq_id 
_pdbx_struct_conn_angle.ptnr1_auth_atom_id 
_pdbx_struct_conn_angle.ptnr1_auth_asym_id 
_pdbx_struct_conn_angle.ptnr1_auth_comp_id 
_pdbx_struct_conn_angle.ptnr1_auth_seq_id 
_pdbx_struct_conn_angle.ptnr1_PDB_ins_code 
_pdbx_struct_conn_angle.ptnr1_symmetry 
_pdbx_struct_conn_angle.ptnr2_label_atom_id 
_pdbx_struct_conn_angle.ptnr2_label_alt_id 
_pdbx_struct_conn_angle.ptnr2_label_asym_id 
_pdbx_struct_conn_angle.ptnr2_label_comp_id 
_pdbx_struct_conn_angle.ptnr2_label_seq_id 
_pdbx_struct_conn_angle.ptnr2_auth_atom_id 
_pdbx_struct_conn_angle.ptnr2_auth_asym_id 
_pdbx_struct_conn_angle.ptnr2_auth_comp_id 
_pdbx_struct_conn_angle.ptnr2_auth_seq_id 
_pdbx_struct_conn_angle.ptnr2_PDB_ins_code 
_pdbx_struct_conn_angle.ptnr2_symmetry 
_pdbx_struct_conn_angle.ptnr3_label_atom_id 
_pdbx_struct_conn_angle.ptnr3_label_alt_id 
_pdbx_struct_conn_angle.ptnr3_label_asym_id 
_pdbx_struct_conn_angle.ptnr3_label_comp_id 
_pdbx_struct_conn_angle.ptnr3_label_seq_id 
_pdbx_struct_conn_angle.ptnr3_auth_atom_id 
_pdbx_struct_conn_angle.ptnr3_auth_asym_id 
_pdbx_struct_conn_angle.ptnr3_auth_comp_id 
_pdbx_struct_conn_angle.ptnr3_auth_seq_id 
_pdbx_struct_conn_angle.ptnr3_PDB_ins_code 
_pdbx_struct_conn_angle.ptnr3_symmetry 
_pdbx_struct_conn_angle.value 
_pdbx_struct_conn_angle.value_esd 
1  O   ? A 9GE 1  ? A 9GE 1   ? 1_555 CA ? E CA . ? A CA 103 ? 1_555 OD1 ? A ASP 2  ? A ASP 2   ? 1_555 82.4  ? 
2  O   ? A 9GE 1  ? A 9GE 1   ? 1_555 CA ? E CA . ? A CA 103 ? 1_555 OD1 ? A ASP 8  ? A ASP 8   ? 1_555 175.4 ? 
3  OD1 ? A ASP 2  ? A ASP 2   ? 1_555 CA ? E CA . ? A CA 103 ? 1_555 OD1 ? A ASP 8  ? A ASP 8   ? 1_555 93.2  ? 
4  O   ? A 9GE 1  ? A 9GE 1   ? 1_555 CA ? E CA . ? A CA 103 ? 1_555 O2A ? C 9GB .  ? A 9GB 101 ? 1_555 93.0  ? 
5  OD1 ? A ASP 2  ? A ASP 2   ? 1_555 CA ? E CA . ? A CA 103 ? 1_555 O2A ? C 9GB .  ? A 9GB 101 ? 1_555 92.6  ? 
6  OD1 ? A ASP 8  ? A ASP 8   ? 1_555 CA ? E CA . ? A CA 103 ? 1_555 O2A ? C 9GB .  ? A 9GB 101 ? 1_555 88.4  ? 
7  O   ? A 9GE 1  ? A 9GE 1   ? 1_555 CA ? E CA . ? A CA 103 ? 1_555 O   ? N HOH .  ? B HOH 205 ? 1_555 96.1  ? 
8  OD1 ? A ASP 2  ? A ASP 2   ? 1_555 CA ? E CA . ? A CA 103 ? 1_555 O   ? N HOH .  ? B HOH 205 ? 1_555 176.5 ? 
9  OD1 ? A ASP 8  ? A ASP 8   ? 1_555 CA ? E CA . ? A CA 103 ? 1_555 O   ? N HOH .  ? B HOH 205 ? 1_555 88.4  ? 
10 O2A ? C 9GB .  ? A 9GB 101 ? 1_555 CA ? E CA . ? A CA 103 ? 1_555 O   ? N HOH .  ? B HOH 205 ? 1_555 84.3  ? 
11 O   ? A 9GE 1  ? A 9GE 1   ? 1_555 CA ? E CA . ? A CA 103 ? 1_555 O   ? N HOH .  ? B HOH 206 ? 1_555 91.8  ? 
12 OD1 ? A ASP 2  ? A ASP 2   ? 1_555 CA ? E CA . ? A CA 103 ? 1_555 O   ? N HOH .  ? B HOH 206 ? 1_555 100.1 ? 
13 OD1 ? A ASP 8  ? A ASP 8   ? 1_555 CA ? E CA . ? A CA 103 ? 1_555 O   ? N HOH .  ? B HOH 206 ? 1_555 87.7  ? 
14 O2A ? C 9GB .  ? A 9GB 101 ? 1_555 CA ? E CA . ? A CA 103 ? 1_555 O   ? N HOH .  ? B HOH 206 ? 1_555 166.9 ? 
15 O   ? N HOH .  ? B HOH 205 ? 1_555 CA ? E CA . ? A CA 103 ? 1_555 O   ? N HOH .  ? B HOH 206 ? 1_555 83.1  ? 
16 O   ? A DNP 3  ? A DNP 3   ? 1_555 CA ? D CA . ? A CA 102 ? 1_555 OD1 ? A ASP 6  ? A ASP 6   ? 1_555 85.8  ? 
17 O   ? A DNP 3  ? A DNP 3   ? 1_555 CA ? D CA . ? A CA 102 ? 1_555 O   ? A GLY 7  ? A GLY 7   ? 1_555 99.4  ? 
18 OD1 ? A ASP 6  ? A ASP 6   ? 1_555 CA ? D CA . ? A CA 102 ? 1_555 O   ? A GLY 7  ? A GLY 7   ? 1_555 90.0  ? 
19 O   ? A DNP 3  ? A DNP 3   ? 1_555 CA ? D CA . ? A CA 102 ? 1_555 O   ? A GLY 9  ? A GLY 9   ? 1_555 168.6 ? 
20 OD1 ? A ASP 6  ? A ASP 6   ? 1_555 CA ? D CA . ? A CA 102 ? 1_555 O   ? A GLY 9  ? A GLY 9   ? 1_555 95.7  ? 
21 O   ? A GLY 7  ? A GLY 7   ? 1_555 CA ? D CA . ? A CA 102 ? 1_555 O   ? A GLY 9  ? A GLY 9   ? 1_555 91.9  ? 
22 O   ? A DNP 3  ? A DNP 3   ? 1_555 CA ? D CA . ? A CA 102 ? 1_555 O   ? A ILE 11 ? A ILE 11  ? 1_555 78.4  ? 
23 OD1 ? A ASP 6  ? A ASP 6   ? 1_555 CA ? D CA . ? A CA 102 ? 1_555 O   ? A ILE 11 ? A ILE 11  ? 1_555 91.9  ? 
24 O   ? A GLY 7  ? A GLY 7   ? 1_555 CA ? D CA . ? A CA 102 ? 1_555 O   ? A ILE 11 ? A ILE 11  ? 1_555 177.0 ? 
25 O   ? A GLY 9  ? A GLY 9   ? 1_555 CA ? D CA . ? A CA 102 ? 1_555 O   ? A ILE 11 ? A ILE 11  ? 1_555 90.3  ? 
26 O   ? A DNP 3  ? A DNP 3   ? 1_555 CA ? D CA . ? A CA 102 ? 1_555 O1A ? C 9GB .  ? A 9GB 101 ? 1_555 85.6  ? 
27 OD1 ? A ASP 6  ? A ASP 6   ? 1_555 CA ? D CA . ? A CA 102 ? 1_555 O1A ? C 9GB .  ? A 9GB 101 ? 1_555 171.4 ? 
28 O   ? A GLY 7  ? A GLY 7   ? 1_555 CA ? D CA . ? A CA 102 ? 1_555 O1A ? C 9GB .  ? A 9GB 101 ? 1_555 90.7  ? 
29 O   ? A GLY 9  ? A GLY 9   ? 1_555 CA ? D CA . ? A CA 102 ? 1_555 O1A ? C 9GB .  ? A 9GB 101 ? 1_555 92.9  ? 
30 O   ? A ILE 11 ? A ILE 11  ? 1_555 CA ? D CA . ? A CA 102 ? 1_555 O1A ? C 9GB .  ? A 9GB 101 ? 1_555 87.0  ? 
31 O   ? M HOH .  ? A HOH 204 ? 1_555 CA ? K CA . ? B CA 103 ? 1_555 O   ? M HOH .  ? A HOH 206 ? 1_555 83.4  ? 
32 O   ? M HOH .  ? A HOH 204 ? 1_555 CA ? K CA . ? B CA 103 ? 1_555 O   ? B 9GE 1  ? B 9GE 1   ? 1_555 95.8  ? 
33 O   ? M HOH .  ? A HOH 206 ? 1_555 CA ? K CA . ? B CA 103 ? 1_555 O   ? B 9GE 1  ? B 9GE 1   ? 1_555 92.2  ? 
34 O   ? M HOH .  ? A HOH 204 ? 1_555 CA ? K CA . ? B CA 103 ? 1_555 OD1 ? B ASP 2  ? B ASP 2   ? 1_555 175.9 ? 
35 O   ? M HOH .  ? A HOH 206 ? 1_555 CA ? K CA . ? B CA 103 ? 1_555 OD1 ? B ASP 2  ? B ASP 2   ? 1_555 99.8  ? 
36 O   ? B 9GE 1  ? B 9GE 1   ? 1_555 CA ? K CA . ? B CA 103 ? 1_555 OD1 ? B ASP 2  ? B ASP 2   ? 1_555 81.7  ? 
37 O   ? M HOH .  ? A HOH 204 ? 1_555 CA ? K CA . ? B CA 103 ? 1_555 OD1 ? B ASP 8  ? B ASP 8   ? 1_555 88.4  ? 
38 O   ? M HOH .  ? A HOH 206 ? 1_555 CA ? K CA . ? B CA 103 ? 1_555 OD1 ? B ASP 8  ? B ASP 8   ? 1_555 88.2  ? 
39 O   ? B 9GE 1  ? B 9GE 1   ? 1_555 CA ? K CA . ? B CA 103 ? 1_555 OD1 ? B ASP 8  ? B ASP 8   ? 1_555 175.8 ? 
40 OD1 ? B ASP 2  ? B ASP 2   ? 1_555 CA ? K CA . ? B CA 103 ? 1_555 OD1 ? B ASP 8  ? B ASP 8   ? 1_555 94.1  ? 
41 O   ? M HOH .  ? A HOH 204 ? 1_555 CA ? K CA . ? B CA 103 ? 1_555 O2A ? I 9GB .  ? B 9GB 101 ? 1_555 85.1  ? 
42 O   ? M HOH .  ? A HOH 206 ? 1_555 CA ? K CA . ? B CA 103 ? 1_555 O2A ? I 9GB .  ? B 9GB 101 ? 1_555 167.8 ? 
43 O   ? B 9GE 1  ? B 9GE 1   ? 1_555 CA ? K CA . ? B CA 103 ? 1_555 O2A ? I 9GB .  ? B 9GB 101 ? 1_555 92.9  ? 
44 OD1 ? B ASP 2  ? B ASP 2   ? 1_555 CA ? K CA . ? B CA 103 ? 1_555 O2A ? I 9GB .  ? B 9GB 101 ? 1_555 91.8  ? 
45 OD1 ? B ASP 8  ? B ASP 8   ? 1_555 CA ? K CA . ? B CA 103 ? 1_555 O2A ? I 9GB .  ? B 9GB 101 ? 1_555 87.5  ? 
46 O   ? B DNP 3  ? B DNP 3   ? 1_555 CA ? J CA . ? B CA 102 ? 1_555 OD1 ? B ASP 6  ? B ASP 6   ? 1_555 86.3  ? 
47 O   ? B DNP 3  ? B DNP 3   ? 1_555 CA ? J CA . ? B CA 102 ? 1_555 O   ? B GLY 7  ? B GLY 7   ? 1_555 99.8  ? 
48 OD1 ? B ASP 6  ? B ASP 6   ? 1_555 CA ? J CA . ? B CA 102 ? 1_555 O   ? B GLY 7  ? B GLY 7   ? 1_555 90.0  ? 
49 O   ? B DNP 3  ? B DNP 3   ? 1_555 CA ? J CA . ? B CA 102 ? 1_555 O   ? B GLY 9  ? B GLY 9   ? 1_555 170.0 ? 
50 OD1 ? B ASP 6  ? B ASP 6   ? 1_555 CA ? J CA . ? B CA 102 ? 1_555 O   ? B GLY 9  ? B GLY 9   ? 1_555 97.3  ? 
51 O   ? B GLY 7  ? B GLY 7   ? 1_555 CA ? J CA . ? B CA 102 ? 1_555 O   ? B GLY 9  ? B GLY 9   ? 1_555 89.5  ? 
52 O   ? B DNP 3  ? B DNP 3   ? 1_555 CA ? J CA . ? B CA 102 ? 1_555 O   ? B ILE 11 ? B ILE 11  ? 1_555 80.6  ? 
53 OD1 ? B ASP 6  ? B ASP 6   ? 1_555 CA ? J CA . ? B CA 102 ? 1_555 O   ? B ILE 11 ? B ILE 11  ? 1_555 91.6  ? 
54 O   ? B GLY 7  ? B GLY 7   ? 1_555 CA ? J CA . ? B CA 102 ? 1_555 O   ? B ILE 11 ? B ILE 11  ? 1_555 178.3 ? 
55 O   ? B GLY 9  ? B GLY 9   ? 1_555 CA ? J CA . ? B CA 102 ? 1_555 O   ? B ILE 11 ? B ILE 11  ? 1_555 89.9  ? 
56 O   ? B DNP 3  ? B DNP 3   ? 1_555 CA ? J CA . ? B CA 102 ? 1_555 O3A ? I 9GB .  ? B 9GB 101 ? 1_555 86.1  ? 
57 OD1 ? B ASP 6  ? B ASP 6   ? 1_555 CA ? J CA . ? B CA 102 ? 1_555 O3A ? I 9GB .  ? B 9GB 101 ? 1_555 172.1 ? 
58 O   ? B GLY 7  ? B GLY 7   ? 1_555 CA ? J CA . ? B CA 102 ? 1_555 O3A ? I 9GB .  ? B 9GB 101 ? 1_555 89.3  ? 
59 O   ? B GLY 9  ? B GLY 9   ? 1_555 CA ? J CA . ? B CA 102 ? 1_555 O3A ? I 9GB .  ? B 9GB 101 ? 1_555 90.6  ? 
60 O   ? B ILE 11 ? B ILE 11  ? 1_555 CA ? J CA . ? B CA 102 ? 1_555 O3A ? I 9GB .  ? B 9GB 101 ? 1_555 89.1  ? 
# 
loop_
_struct_site.id 
_struct_site.pdbx_evidence_code 
_struct_site.pdbx_auth_asym_id 
_struct_site.pdbx_auth_comp_id 
_struct_site.pdbx_auth_seq_id 
_struct_site.pdbx_auth_ins_code 
_struct_site.pdbx_num_residues 
_struct_site.details 
AC1 Software A 9GB 101 ? 12 'binding site for residue 9GB A 101'               
AC2 Software A CA  102 ? 6  'binding site for residue CA A 102'                
AC3 Software A CA  103 ? 7  'binding site for residue CA A 103'                
AC4 Software A CL  104 ? 3  'binding site for residue CL A 104'                
AC5 Software A ACY 106 ? 3  'binding site for residue ACY A 106'               
AC6 Software B 9GB 101 ? 11 'binding site for residue 9GB B 101'               
AC7 Software B CA  102 ? 6  'binding site for residue CA B 102'                
AC8 Software B CA  103 ? 6  'binding site for residue CA B 103'                
AC9 Software B ACY 104 ? 2  'binding site for residue ACY B 104'               
AD1 Software A DNP 3   ? 10 'binding site for residues DNP A 2 and CPI A 3'    
AD2 Software B 9GE 1   ? 8  'binding site for Di-peptide 9GE B 0 and ASP B 1'  
AD3 Software B ASP 2   ? 16 'binding site for Di-peptide ASP B 1 and DNP B 2'  
AD4 Software B DNP 3   ? 10 'binding site for residues DNP B 2 and CPI B 3'    
AD5 Software B DNP 3   ? 10 'binding site for Di-peptide DNP B 2 and PRO B 11' 
AD6 Software B CPI 4   ? 7  'binding site for Di-peptide CPI B 3 and GLY B 4'  
AD7 Software B GLY 9   ? 13 'binding site for Di-peptide GLY B 8 and 2TL B 9'  
AD8 Software B 2TL 10  ? 12 'binding site for Di-peptide 2TL B 9 and ILE B 10' 
# 
loop_
_struct_site_gen.id 
_struct_site_gen.site_id 
_struct_site_gen.pdbx_num_res 
_struct_site_gen.label_comp_id 
_struct_site_gen.label_asym_id 
_struct_site_gen.label_seq_id 
_struct_site_gen.pdbx_auth_ins_code 
_struct_site_gen.auth_comp_id 
_struct_site_gen.auth_asym_id 
_struct_site_gen.auth_seq_id 
_struct_site_gen.label_atom_id 
_struct_site_gen.label_alt_id 
_struct_site_gen.symmetry 
_struct_site_gen.details 
1   AC1 12 9GE A 1  ? 9GE A 1   . ? 1_555  ? 
2   AC1 12 ASP A 2  ? ASP A 2   . ? 1_555  ? 
3   AC1 12 DNP A 3  ? DNP A 3   . ? 1_555  ? 
4   AC1 12 GLY A 7  ? GLY A 7   . ? 1_555  ? 
5   AC1 12 ASP A 8  ? ASP A 8   . ? 1_555  ? 
6   AC1 12 GLY A 9  ? GLY A 9   . ? 1_555  ? 
7   AC1 12 ILE A 11 ? ILE A 11  . ? 1_555  ? 
8   AC1 12 CA  D .  ? CA  A 102 . ? 1_555  ? 
9   AC1 12 CA  E .  ? CA  A 103 . ? 1_555  ? 
10  AC1 12 HOH M .  ? HOH A 204 . ? 1_555  ? 
11  AC1 12 9GB I .  ? 9GB B 101 . ? 1_555  ? 
12  AC1 12 HOH N .  ? HOH B 205 . ? 1_555  ? 
13  AC2 6  DNP A 3  ? DNP A 3   . ? 1_555  ? 
14  AC2 6  ASP A 6  ? ASP A 6   . ? 1_555  ? 
15  AC2 6  GLY A 7  ? GLY A 7   . ? 1_555  ? 
16  AC2 6  GLY A 9  ? GLY A 9   . ? 1_555  ? 
17  AC2 6  ILE A 11 ? ILE A 11  . ? 1_555  ? 
18  AC2 6  9GB C .  ? 9GB A 101 . ? 1_555  ? 
19  AC3 7  9GE A 1  ? 9GE A 1   . ? 1_555  ? 
20  AC3 7  ASP A 2  ? ASP A 2   . ? 1_555  ? 
21  AC3 7  ASP A 8  ? ASP A 8   . ? 1_555  ? 
22  AC3 7  9GB C .  ? 9GB A 101 . ? 1_555  ? 
23  AC3 7  ACY H .  ? ACY A 106 . ? 1_555  ? 
24  AC3 7  HOH N .  ? HOH B 205 . ? 1_555  ? 
25  AC3 7  HOH N .  ? HOH B 206 . ? 1_555  ? 
26  AC4 3  GLY A 5  ? GLY A 5   . ? 1_555  ? 
27  AC4 3  GLY A 7  ? GLY A 7   . ? 1_555  ? 
28  AC4 3  GLY B 7  ? GLY B 7   . ? 21_545 ? 
29  AC5 3  ASP A 2  ? ASP A 2   . ? 1_555  ? 
30  AC5 3  CA  E .  ? CA  A 103 . ? 1_555  ? 
31  AC5 3  HOH N .  ? HOH B 206 . ? 1_555  ? 
32  AC6 11 9GB C .  ? 9GB A 101 . ? 1_555  ? 
33  AC6 11 9GE B 1  ? 9GE B 1   . ? 1_555  ? 
34  AC6 11 ASP B 2  ? ASP B 2   . ? 1_555  ? 
35  AC6 11 DNP B 3  ? DNP B 3   . ? 1_555  ? 
36  AC6 11 GLY B 7  ? GLY B 7   . ? 1_555  ? 
37  AC6 11 ASP B 8  ? ASP B 8   . ? 1_555  ? 
38  AC6 11 GLY B 9  ? GLY B 9   . ? 1_555  ? 
39  AC6 11 ILE B 11 ? ILE B 11  . ? 1_555  ? 
40  AC6 11 CA  J .  ? CA  B 102 . ? 1_555  ? 
41  AC6 11 CA  K .  ? CA  B 103 . ? 1_555  ? 
42  AC6 11 HOH N .  ? HOH B 205 . ? 1_555  ? 
43  AC7 6  DNP B 3  ? DNP B 3   . ? 1_555  ? 
44  AC7 6  ASP B 6  ? ASP B 6   . ? 1_555  ? 
45  AC7 6  GLY B 7  ? GLY B 7   . ? 1_555  ? 
46  AC7 6  GLY B 9  ? GLY B 9   . ? 1_555  ? 
47  AC7 6  ILE B 11 ? ILE B 11  . ? 1_555  ? 
48  AC7 6  9GB I .  ? 9GB B 101 . ? 1_555  ? 
49  AC8 6  HOH M .  ? HOH A 204 . ? 1_555  ? 
50  AC8 6  HOH M .  ? HOH A 206 . ? 1_555  ? 
51  AC8 6  9GE B 1  ? 9GE B 1   . ? 1_555  ? 
52  AC8 6  ASP B 2  ? ASP B 2   . ? 1_555  ? 
53  AC8 6  ASP B 8  ? ASP B 8   . ? 1_555  ? 
54  AC8 6  9GB I .  ? 9GB B 101 . ? 1_555  ? 
55  AC9 2  CPI A 4  ? CPI A 4   . ? 23_554 ? 
56  AC9 2  ASP B 2  ? ASP B 2   . ? 1_555  ? 
57  AD1 10 ASP A 2  ? ASP A 2   . ? 1_555  ? 
58  AD1 10 GLY A 5  ? GLY A 5   . ? 1_555  ? 
59  AD1 10 ASP A 6  ? ASP A 6   . ? 1_555  ? 
60  AD1 10 GLY A 7  ? GLY A 7   . ? 1_555  ? 
61  AD1 10 ILE A 11 ? ILE A 11  . ? 1_555  ? 
62  AD1 10 PRO A 12 ? PRO A 12  . ? 1_555  ? 
63  AD1 10 9GB C .  ? 9GB A 101 . ? 1_555  ? 
64  AD1 10 CA  D .  ? CA  A 102 . ? 1_555  ? 
65  AD1 10 HOH M .  ? HOH A 205 . ? 1_555  ? 
66  AD1 10 ACY L .  ? ACY B 104 . ? 21_545 ? 
67  AD2 8  9GE A 1  ? 9GE A 1   . ? 23_554 ? 
68  AD2 8  ASP A 2  ? ASP A 2   . ? 23_554 ? 
69  AD2 8  HOH M .  ? HOH A 205 . ? 23_554 ? 
70  AD2 8  DNP B 3  ? DNP B 3   . ? 1_555  ? 
71  AD2 8  ASP B 8  ? ASP B 8   . ? 1_555  ? 
72  AD2 8  9GB I .  ? 9GB B 101 . ? 1_555  ? 
73  AD2 8  CA  K .  ? CA  B 103 . ? 1_555  ? 
74  AD2 8  ACY L .  ? ACY B 104 . ? 1_555  ? 
75  AD3 16 9GE A 1  ? 9GE A 1   . ? 23_554 ? 
76  AD3 16 ASP A 2  ? ASP A 2   . ? 23_554 ? 
77  AD3 16 HOH M .  ? HOH A 202 . ? 23_554 ? 
78  AD3 16 HOH M .  ? HOH A 205 . ? 23_554 ? 
79  AD3 16 9GE B 1  ? 9GE B 1   . ? 1_555  ? 
80  AD3 16 CPI B 4  ? CPI B 4   . ? 1_555  ? 
81  AD3 16 GLY B 5  ? GLY B 5   . ? 1_555  ? 
82  AD3 16 ASP B 6  ? ASP B 6   . ? 1_555  ? 
83  AD3 16 GLY B 7  ? GLY B 7   . ? 1_555  ? 
84  AD3 16 ASP B 8  ? ASP B 8   . ? 1_555  ? 
85  AD3 16 ILE B 11 ? ILE B 11  . ? 1_555  ? 
86  AD3 16 PRO B 12 ? PRO B 12  . ? 1_555  ? 
87  AD3 16 9GB I .  ? 9GB B 101 . ? 1_555  ? 
88  AD3 16 CA  J .  ? CA  B 102 . ? 1_555  ? 
89  AD3 16 CA  K .  ? CA  B 103 . ? 1_555  ? 
90  AD3 16 ACY L .  ? ACY B 104 . ? 1_555  ? 
91  AD4 10 HOH M .  ? HOH A 202 . ? 23_554 ? 
92  AD4 10 ASP B 2  ? ASP B 2   . ? 1_555  ? 
93  AD4 10 GLY B 5  ? GLY B 5   . ? 1_555  ? 
94  AD4 10 ASP B 6  ? ASP B 6   . ? 1_555  ? 
95  AD4 10 GLY B 7  ? GLY B 7   . ? 1_555  ? 
96  AD4 10 ILE B 11 ? ILE B 11  . ? 1_555  ? 
97  AD4 10 PRO B 12 ? PRO B 12  . ? 1_555  ? 
98  AD4 10 9GB I .  ? 9GB B 101 . ? 1_555  ? 
99  AD4 10 CA  J .  ? CA  B 102 . ? 1_555  ? 
100 AD4 10 HOH N .  ? HOH B 202 . ? 10_655 ? 
101 AD5 10 HOH M .  ? HOH A 202 . ? 23_554 ? 
102 AD5 10 ASP B 2  ? ASP B 2   . ? 1_555  ? 
103 AD5 10 CPI B 4  ? CPI B 4   . ? 1_555  ? 
104 AD5 10 GLY B 5  ? GLY B 5   . ? 1_555  ? 
105 AD5 10 ASP B 6  ? ASP B 6   . ? 1_555  ? 
106 AD5 10 GLY B 7  ? GLY B 7   . ? 1_555  ? 
107 AD5 10 2TL B 10 ? 2TL B 10  . ? 1_555  ? 
108 AD5 10 ILE B 11 ? ILE B 11  . ? 1_555  ? 
109 AD5 10 9GB I .  ? 9GB B 101 . ? 1_555  ? 
110 AD5 10 CA  J .  ? CA  B 102 . ? 1_555  ? 
111 AD6 7  HOH M .  ? HOH A 202 . ? 23_554 ? 
112 AD6 7  DNP B 3  ? DNP B 3   . ? 1_555  ? 
113 AD6 7  ASP B 6  ? ASP B 6   . ? 1_555  ? 
114 AD6 7  GLY B 7  ? GLY B 7   . ? 1_555  ? 
115 AD6 7  ILE B 11 ? ILE B 11  . ? 1_555  ? 
116 AD6 7  PRO B 12 ? PRO B 12  . ? 1_555  ? 
117 AD6 7  HOH N .  ? HOH B 202 . ? 10_655 ? 
118 AD7 13 ASP A 8  ? ASP A 8   . ? 1_555  ? 
119 AD7 13 GLY A 9  ? GLY A 9   . ? 1_555  ? 
120 AD7 13 HOH M .  ? HOH A 208 . ? 18_554 ? 
121 AD7 13 ASP B 6  ? ASP B 6   . ? 1_555  ? 
122 AD7 13 GLY B 7  ? GLY B 7   . ? 1_555  ? 
123 AD7 13 ASP B 8  ? ASP B 8   . ? 1_555  ? 
124 AD7 13 ILE B 11 ? ILE B 11  . ? 1_555  ? 
125 AD7 13 PRO B 12 ? PRO B 12  . ? 1_555  ? 
126 AD7 13 9GB I .  ? 9GB B 101 . ? 1_555  ? 
127 AD7 13 CA  J .  ? CA  B 102 . ? 1_555  ? 
128 AD7 13 HOH N .  ? HOH B 203 . ? 1_555  ? 
129 AD7 13 HOH N .  ? HOH B 205 . ? 1_555  ? 
130 AD7 13 HOH N .  ? HOH B 206 . ? 1_555  ? 
131 AD8 12 ASP A 8  ? ASP A 8   . ? 1_555  ? 
132 AD8 12 HOH M .  ? HOH A 208 . ? 18_554 ? 
133 AD8 12 DNP B 3  ? DNP B 3   . ? 1_555  ? 
134 AD8 12 CPI B 4  ? CPI B 4   . ? 1_555  ? 
135 AD8 12 ASP B 6  ? ASP B 6   . ? 1_555  ? 
136 AD8 12 GLY B 9  ? GLY B 9   . ? 1_555  ? 
137 AD8 12 PRO B 12 ? PRO B 12  . ? 1_555  ? 
138 AD8 12 9GB I .  ? 9GB B 101 . ? 1_555  ? 
139 AD8 12 CA  J .  ? CA  B 102 . ? 1_555  ? 
140 AD8 12 HOH N .  ? HOH B 203 . ? 1_555  ? 
141 AD8 12 HOH N .  ? HOH B 205 . ? 1_555  ? 
142 AD8 12 HOH N .  ? HOH B 206 . ? 1_555  ? 
# 
_pdbx_molecule_features.prd_id    PRD_002234 
_pdbx_molecule_features.name      'Laspartomycin C' 
_pdbx_molecule_features.type      Lipopeptide 
_pdbx_molecule_features.class     Antibiotic 
_pdbx_molecule_features.details   ? 
# 
loop_
_pdbx_molecule.instance_id 
_pdbx_molecule.prd_id 
_pdbx_molecule.asym_id 
1 PRD_002234 A 
2 PRD_002234 B 
# 
loop_
_chem_comp_atom.comp_id 
_chem_comp_atom.atom_id 
_chem_comp_atom.type_symbol 
_chem_comp_atom.pdbx_aromatic_flag 
_chem_comp_atom.pdbx_stereo_config 
_chem_comp_atom.pdbx_ordinal 
2TL N    N  N N 1   
2TL CA   C  N R 2   
2TL CB   C  N R 3   
2TL OG1  O  N N 4   
2TL CG2  C  N N 5   
2TL C    C  N N 6   
2TL O    O  N N 7   
2TL OXT  O  N N 8   
2TL H    H  N N 9   
2TL H2   H  N N 10  
2TL HA   H  N N 11  
2TL HB   H  N N 12  
2TL HG1  H  N N 13  
2TL HG21 H  N N 14  
2TL HG22 H  N N 15  
2TL HG23 H  N N 16  
2TL HXT  H  N N 17  
9GB C2   C  N N 18  
9GB C4   C  N N 19  
9GB C5   C  N N 20  
9GB C6   C  N N 21  
9GB O3A  O  N N 22  
9GB PA   P  N N 23  
9GB O1A  O  N N 24  
9GB O2A  O  N N 25  
9GB O1   O  N N 26  
9GB C1   C  N N 27  
9GB C3   C  N N 28  
9GB C7   C  N N 29  
9GB H1   H  N N 30  
9GB H2   H  N N 31  
9GB H3   H  N N 32  
9GB H4   H  N N 33  
9GB H5   H  N N 34  
9GB H6   H  N N 35  
9GB H7   H  N N 36  
9GB H8   H  N N 37  
9GB H9   H  N N 38  
9GB H10  H  N N 39  
9GB H11  H  N N 40  
9GB H12  H  N N 41  
9GB H13  H  N N 42  
9GB H14  H  N N 43  
9GB H15  H  N N 44  
9GE C    C  N N 45  
9GE O    O  N N 46  
9GE CA   C  N N 47  
9GE C04  C  N N 48  
9GE C05  C  N N 49  
9GE C06  C  N N 50  
9GE O1   O  N N 51  
9GE H1   H  N N 52  
9GE H2   H  N N 53  
9GE H3   H  N N 54  
9GE H4   H  N N 55  
9GE H5   H  N N 56  
9GE H6   H  N N 57  
9GE H8   H  N N 58  
9GE C1   C  N N 59  
9GE C2   C  N N 60  
9GE C3   C  N N 61  
9GE C4   C  N N 62  
9GE C5   C  N N 63  
9GE C6   C  N N 64  
9GE C7   C  N N 65  
9GE C8   C  N N 66  
9GE C9   C  N N 67  
9GE C10  C  N N 68  
9GE H7   H  N N 69  
9GE H9   H  N N 70  
9GE H10  H  N N 71  
9GE H11  H  N N 72  
9GE H12  H  N N 73  
9GE H13  H  N N 74  
9GE H14  H  N N 75  
9GE H15  H  N N 76  
9GE H16  H  N N 77  
9GE H17  H  N N 78  
9GE H18  H  N N 79  
9GE H19  H  N N 80  
9GE H20  H  N N 81  
9GE H21  H  N N 82  
9GE H22  H  N N 83  
9GE H23  H  N N 84  
9GE H24  H  N N 85  
9GE H25  H  N N 86  
9GE H26  H  N N 87  
9GE H27  H  N N 88  
9GE H28  H  N N 89  
ACY C    C  N N 90  
ACY O    O  N N 91  
ACY OXT  O  N N 92  
ACY CH3  C  N N 93  
ACY HXT  H  N N 94  
ACY H1   H  N N 95  
ACY H2   H  N N 96  
ACY H3   H  N N 97  
ASP N    N  N N 98  
ASP CA   C  N S 99  
ASP C    C  N N 100 
ASP O    O  N N 101 
ASP CB   C  N N 102 
ASP CG   C  N N 103 
ASP OD1  O  N N 104 
ASP OD2  O  N N 105 
ASP OXT  O  N N 106 
ASP H    H  N N 107 
ASP H2   H  N N 108 
ASP HA   H  N N 109 
ASP HB2  H  N N 110 
ASP HB3  H  N N 111 
ASP HD2  H  N N 112 
ASP HXT  H  N N 113 
CA  CA   CA N N 114 
CL  CL   CL N N 115 
CPI N    N  N N 116 
CPI CE   C  N N 117 
CPI CD   C  N N 118 
CPI CG   C  N N 119 
CPI CB   C  N N 120 
CPI CA   C  N R 121 
CPI C    C  N N 122 
CPI O    O  N N 123 
CPI H    H  N N 124 
CPI HE2  H  N N 125 
CPI HE3  H  N N 126 
CPI HD2  H  N N 127 
CPI HD3  H  N N 128 
CPI HG2  H  N N 129 
CPI HG3  H  N N 130 
CPI HB2  H  N N 131 
CPI HB3  H  N N 132 
CPI HA   H  N N 133 
CPI OXT  O  N N 134 
CPI HXT  H  N N 135 
DNP N    N  N N 136 
DNP CA   C  N S 137 
DNP CB   C  N N 138 
DNP NG   N  N N 139 
DNP C    C  N N 140 
DNP O    O  N N 141 
DNP OXT  O  N N 142 
DNP H    H  N N 143 
DNP H2   H  N N 144 
DNP HA   H  N N 145 
DNP HB2  H  N N 146 
DNP HB3  H  N N 147 
DNP HG1  H  N N 148 
DNP HG2  H  N N 149 
DNP HG3  H  N N 150 
DNP HXT  H  N N 151 
GLY N    N  N N 152 
GLY CA   C  N N 153 
GLY C    C  N N 154 
GLY O    O  N N 155 
GLY OXT  O  N N 156 
GLY H    H  N N 157 
GLY H2   H  N N 158 
GLY HA2  H  N N 159 
GLY HA3  H  N N 160 
GLY HXT  H  N N 161 
HOH O    O  N N 162 
HOH H1   H  N N 163 
HOH H2   H  N N 164 
ILE N    N  N N 165 
ILE CA   C  N S 166 
ILE C    C  N N 167 
ILE O    O  N N 168 
ILE CB   C  N S 169 
ILE CG1  C  N N 170 
ILE CG2  C  N N 171 
ILE CD1  C  N N 172 
ILE OXT  O  N N 173 
ILE H    H  N N 174 
ILE H2   H  N N 175 
ILE HA   H  N N 176 
ILE HB   H  N N 177 
ILE HG12 H  N N 178 
ILE HG13 H  N N 179 
ILE HG21 H  N N 180 
ILE HG22 H  N N 181 
ILE HG23 H  N N 182 
ILE HD11 H  N N 183 
ILE HD12 H  N N 184 
ILE HD13 H  N N 185 
ILE HXT  H  N N 186 
PRO N    N  N N 187 
PRO CA   C  N S 188 
PRO C    C  N N 189 
PRO O    O  N N 190 
PRO CB   C  N N 191 
PRO CG   C  N N 192 
PRO CD   C  N N 193 
PRO OXT  O  N N 194 
PRO H    H  N N 195 
PRO HA   H  N N 196 
PRO HB2  H  N N 197 
PRO HB3  H  N N 198 
PRO HG2  H  N N 199 
PRO HG3  H  N N 200 
PRO HD2  H  N N 201 
PRO HD3  H  N N 202 
PRO HXT  H  N N 203 
# 
loop_
_chem_comp_bond.comp_id 
_chem_comp_bond.atom_id_1 
_chem_comp_bond.atom_id_2 
_chem_comp_bond.value_order 
_chem_comp_bond.pdbx_aromatic_flag 
_chem_comp_bond.pdbx_stereo_config 
_chem_comp_bond.pdbx_ordinal 
2TL N   CA   sing N N 1   
2TL CA  CB   sing N N 2   
2TL CA  C    sing N N 3   
2TL CB  OG1  sing N N 4   
2TL CB  CG2  sing N N 5   
2TL C   O    doub N N 6   
2TL C   OXT  sing N N 7   
2TL N   H    sing N N 8   
2TL N   H2   sing N N 9   
2TL CA  HA   sing N N 10  
2TL CB  HB   sing N N 11  
2TL OG1 HG1  sing N N 12  
2TL CG2 HG21 sing N N 13  
2TL CG2 HG22 sing N N 14  
2TL CG2 HG23 sing N N 15  
2TL OXT HXT  sing N N 16  
9GB C6  C5   sing N N 17  
9GB C6  C7   sing N N 18  
9GB C5  C3   sing N N 19  
9GB C3  C4   sing N N 20  
9GB C3  C2   doub N E 21  
9GB C2  C1   sing N N 22  
9GB O1  C1   sing N N 23  
9GB O1  PA   sing N N 24  
9GB O3A PA   doub N N 25  
9GB PA  O1A  sing N N 26  
9GB PA  O2A  sing N N 27  
9GB C2  H1   sing N N 28  
9GB C4  H2   sing N N 29  
9GB C4  H3   sing N N 30  
9GB C4  H4   sing N N 31  
9GB C5  H5   sing N N 32  
9GB C5  H6   sing N N 33  
9GB C6  H7   sing N N 34  
9GB C6  H8   sing N N 35  
9GB O1A H9   sing N N 36  
9GB O2A H10  sing N N 37  
9GB C1  H11  sing N N 38  
9GB C1  H12  sing N N 39  
9GB C7  H13  sing N N 40  
9GB C7  H14  sing N N 41  
9GB C7  H15  sing N N 42  
9GE C06 C05  sing N N 43  
9GE C05 C04  sing N N 44  
9GE C04 CA   doub N E 45  
9GE CA  C    sing N N 46  
9GE C   O    doub N N 47  
9GE C   O1   sing N N 48  
9GE CA  H1   sing N N 49  
9GE C04 H2   sing N N 50  
9GE C05 H3   sing N N 51  
9GE C05 H4   sing N N 52  
9GE C06 H5   sing N N 53  
9GE C06 H6   sing N N 54  
9GE O1  H8   sing N N 55  
9GE C06 C1   sing N N 56  
9GE C1  C2   sing N N 57  
9GE C2  C3   sing N N 58  
9GE C3  C4   sing N N 59  
9GE C4  C5   sing N N 60  
9GE C5  C6   sing N N 61  
9GE C6  C7   sing N N 62  
9GE C7  C8   sing N N 63  
9GE C8  C9   sing N N 64  
9GE C8  C10  sing N N 65  
9GE C1  H7   sing N N 66  
9GE C1  H9   sing N N 67  
9GE C2  H10  sing N N 68  
9GE C2  H11  sing N N 69  
9GE C3  H12  sing N N 70  
9GE C3  H13  sing N N 71  
9GE C4  H14  sing N N 72  
9GE C4  H15  sing N N 73  
9GE C5  H16  sing N N 74  
9GE C5  H17  sing N N 75  
9GE C6  H18  sing N N 76  
9GE C6  H19  sing N N 77  
9GE C7  H20  sing N N 78  
9GE C7  H21  sing N N 79  
9GE C8  H22  sing N N 80  
9GE C9  H23  sing N N 81  
9GE C9  H24  sing N N 82  
9GE C9  H25  sing N N 83  
9GE C10 H26  sing N N 84  
9GE C10 H27  sing N N 85  
9GE C10 H28  sing N N 86  
ACY C   O    doub N N 87  
ACY C   OXT  sing N N 88  
ACY C   CH3  sing N N 89  
ACY OXT HXT  sing N N 90  
ACY CH3 H1   sing N N 91  
ACY CH3 H2   sing N N 92  
ACY CH3 H3   sing N N 93  
ASP N   CA   sing N N 94  
ASP N   H    sing N N 95  
ASP N   H2   sing N N 96  
ASP CA  C    sing N N 97  
ASP CA  CB   sing N N 98  
ASP CA  HA   sing N N 99  
ASP C   O    doub N N 100 
ASP C   OXT  sing N N 101 
ASP CB  CG   sing N N 102 
ASP CB  HB2  sing N N 103 
ASP CB  HB3  sing N N 104 
ASP CG  OD1  doub N N 105 
ASP CG  OD2  sing N N 106 
ASP OD2 HD2  sing N N 107 
ASP OXT HXT  sing N N 108 
CPI N   CE   sing N N 109 
CPI N   CA   sing N N 110 
CPI N   H    sing N N 111 
CPI CE  CD   sing N N 112 
CPI CE  HE2  sing N N 113 
CPI CE  HE3  sing N N 114 
CPI CD  CG   sing N N 115 
CPI CD  HD2  sing N N 116 
CPI CD  HD3  sing N N 117 
CPI CG  CB   sing N N 118 
CPI CG  HG2  sing N N 119 
CPI CG  HG3  sing N N 120 
CPI CB  CA   sing N N 121 
CPI CB  HB2  sing N N 122 
CPI CB  HB3  sing N N 123 
CPI CA  C    sing N N 124 
CPI CA  HA   sing N N 125 
CPI C   O    doub N N 126 
CPI C   OXT  sing N N 127 
CPI OXT HXT  sing N N 128 
DNP N   CA   sing N N 129 
DNP N   H    sing N N 130 
DNP N   H2   sing N N 131 
DNP CA  CB   sing N N 132 
DNP CA  C    sing N N 133 
DNP CA  HA   sing N N 134 
DNP CB  NG   sing N N 135 
DNP CB  HB2  sing N N 136 
DNP CB  HB3  sing N N 137 
DNP NG  HG1  sing N N 138 
DNP NG  HG2  sing N N 139 
DNP NG  HG3  sing N N 140 
DNP C   O    doub N N 141 
DNP C   OXT  sing N N 142 
DNP OXT HXT  sing N N 143 
GLY N   CA   sing N N 144 
GLY N   H    sing N N 145 
GLY N   H2   sing N N 146 
GLY CA  C    sing N N 147 
GLY CA  HA2  sing N N 148 
GLY CA  HA3  sing N N 149 
GLY C   O    doub N N 150 
GLY C   OXT  sing N N 151 
GLY OXT HXT  sing N N 152 
HOH O   H1   sing N N 153 
HOH O   H2   sing N N 154 
ILE N   CA   sing N N 155 
ILE N   H    sing N N 156 
ILE N   H2   sing N N 157 
ILE CA  C    sing N N 158 
ILE CA  CB   sing N N 159 
ILE CA  HA   sing N N 160 
ILE C   O    doub N N 161 
ILE C   OXT  sing N N 162 
ILE CB  CG1  sing N N 163 
ILE CB  CG2  sing N N 164 
ILE CB  HB   sing N N 165 
ILE CG1 CD1  sing N N 166 
ILE CG1 HG12 sing N N 167 
ILE CG1 HG13 sing N N 168 
ILE CG2 HG21 sing N N 169 
ILE CG2 HG22 sing N N 170 
ILE CG2 HG23 sing N N 171 
ILE CD1 HD11 sing N N 172 
ILE CD1 HD12 sing N N 173 
ILE CD1 HD13 sing N N 174 
ILE OXT HXT  sing N N 175 
PRO N   CA   sing N N 176 
PRO N   CD   sing N N 177 
PRO N   H    sing N N 178 
PRO CA  C    sing N N 179 
PRO CA  CB   sing N N 180 
PRO CA  HA   sing N N 181 
PRO C   O    doub N N 182 
PRO C   OXT  sing N N 183 
PRO CB  CG   sing N N 184 
PRO CB  HB2  sing N N 185 
PRO CB  HB3  sing N N 186 
PRO CG  CD   sing N N 187 
PRO CG  HG2  sing N N 188 
PRO CG  HG3  sing N N 189 
PRO CD  HD2  sing N N 190 
PRO CD  HD3  sing N N 191 
PRO OXT HXT  sing N N 192 
# 
_pdbx_audit_support.funding_organization   ? 
_pdbx_audit_support.country                Netherlands 
_pdbx_audit_support.grant_number           ? 
_pdbx_audit_support.ordinal                1 
# 
_atom_sites.entry_id                    5O0Z 
_atom_sites.fract_transf_matrix[1][1]   -0.00997325 
_atom_sites.fract_transf_matrix[1][2]   -0.01443575 
_atom_sites.fract_transf_matrix[1][3]   0.00079844 
_atom_sites.fract_transf_matrix[2][1]   -0.01235624 
_atom_sites.fract_transf_matrix[2][2]   0.00901418 
_atom_sites.fract_transf_matrix[2][3]   0.00863493 
_atom_sites.fract_transf_matrix[3][1]   -0.00750677 
_atom_sites.fract_transf_matrix[3][2]   0.00434142 
_atom_sites.fract_transf_matrix[3][3]   -0.01527398 
_atom_sites.fract_transf_vector[1]      0.441003 
_atom_sites.fract_transf_vector[2]      0.787999 
_atom_sites.fract_transf_vector[3]      0.348876 
# 
loop_
_atom_type.symbol 
C  
CA 
CL 
N  
O  
P  
# 
loop_
_atom_site.group_PDB 
_atom_site.id 
_atom_site.type_symbol 
_atom_site.label_atom_id 
_atom_site.label_alt_id 
_atom_site.label_comp_id 
_atom_site.label_asym_id 
_atom_site.label_entity_id 
_atom_site.label_seq_id 
_atom_site.pdbx_PDB_ins_code 
_atom_site.Cartn_x 
_atom_site.Cartn_y 
_atom_site.Cartn_z 
_atom_site.occupancy 
_atom_site.B_iso_or_equiv 
_atom_site.pdbx_formal_charge 
_atom_site.auth_seq_id 
_atom_site.auth_comp_id 
_atom_site.auth_asym_id 
_atom_site.auth_atom_id 
_atom_site.pdbx_PDB_model_num 
HETATM 1   C  C   . 9GE A 1 1  ? 4.286  -4.870 -0.964 1.00 15.39 ? 1   9GE A C   1 
HETATM 2   O  O   . 9GE A 1 1  ? 3.981  -3.710 -0.589 1.00 16.14 ? 1   9GE A O   1 
HETATM 3   C  CA  . 9GE A 1 1  ? 5.596  -5.468 -0.596 1.00 18.47 ? 1   9GE A CA  1 
HETATM 4   C  C04 . 9GE A 1 1  ? 6.470  -4.877 0.246  1.00 25.94 ? 1   9GE A C04 1 
HETATM 5   C  C05 . 9GE A 1 1  ? 7.687  -5.528 0.892  1.00 31.49 ? 1   9GE A C05 1 
HETATM 6   C  C06 . 9GE A 1 1  ? 7.758  -5.560 2.465  1.00 38.69 ? 1   9GE A C06 1 
ATOM   7   N  N   . ASP A 1 2  ? 3.468  -5.664 -1.676 1.00 15.11 ? 2   ASP A N   1 
ATOM   8   C  CA  . ASP A 1 2  ? 2.121  -5.278 -2.054 1.00 14.28 ? 2   ASP A CA  1 
ATOM   9   C  C   . ASP A 1 2  ? 1.142  -6.319 -1.530 1.00 14.16 ? 2   ASP A C   1 
ATOM   10  O  O   . ASP A 1 2  ? 1.546  -7.434 -1.142 1.00 15.70 ? 2   ASP A O   1 
ATOM   11  C  CB  . ASP A 1 2  ? 1.989  -5.189 -3.577 1.00 16.29 ? 2   ASP A CB  1 
ATOM   12  C  CG  . ASP A 1 2  ? 2.936  -4.185 -4.196 1.00 16.00 ? 2   ASP A CG  1 
ATOM   13  O  OD1 . ASP A 1 2  ? 3.263  -3.158 -3.528 1.00 16.54 ? 2   ASP A OD1 1 
ATOM   14  O  OD2 . ASP A 1 2  ? 3.275  -4.364 -5.376 1.00 19.57 ? 2   ASP A OD2 1 
HETATM 15  N  N   . DNP A 1 3  ? -0.151 -6.002 -1.594 1.00 14.89 ? 3   DNP A N   1 
HETATM 16  C  CA  . DNP A 1 3  ? -1.185 -6.977 -1.289 1.00 14.40 ? 3   DNP A CA  1 
HETATM 17  C  CB  . DNP A 1 3  ? -1.572 -6.881 0.183  1.00 15.45 ? 3   DNP A CB  1 
HETATM 18  N  NG  . DNP A 1 3  ? -1.988 -5.627 0.606  1.00 15.29 ? 3   DNP A NG  1 
HETATM 19  C  C   . DNP A 1 3  ? -2.422 -6.708 -2.173 1.00 14.20 ? 3   DNP A C   1 
HETATM 20  O  O   . DNP A 1 3  ? -2.508 -5.651 -2.816 1.00 15.12 ? 3   DNP A O   1 
HETATM 21  N  N   . CPI A 1 4  ? -3.375 -7.658 -2.212 1.00 16.47 ? 4   CPI A N   1 
HETATM 22  C  CE  . CPI A 1 4  ? -3.189 -9.092 -1.754 1.00 18.66 ? 4   CPI A CE  1 
HETATM 23  C  CD  . CPI A 1 4  ? -4.355 -9.561 -0.889 1.00 19.58 ? 4   CPI A CD  1 
HETATM 24  C  CG  . CPI A 1 4  ? -5.708 -9.237 -1.568 1.00 22.70 ? 4   CPI A CG  1 
HETATM 25  C  CB  . CPI A 1 4  ? -5.779 -7.763 -1.928 1.00 18.76 ? 4   CPI A CB  1 
HETATM 26  C  CA  . CPI A 1 4  ? -4.657 -7.370 -2.811 1.00 17.30 ? 4   CPI A CA  1 
HETATM 27  C  C   . CPI A 1 4  ? -4.816 -7.791 -4.239 1.00 18.49 ? 4   CPI A C   1 
HETATM 28  O  O   . CPI A 1 4  ? -5.938 -7.828 -4.773 1.00 22.80 ? 4   CPI A O   1 
ATOM   29  N  N   . GLY A 1 5  ? -3.692 -8.052 -4.915 1.00 18.15 ? 5   GLY A N   1 
ATOM   30  C  CA  . GLY A 1 5  ? -3.715 -8.402 -6.323 1.00 21.83 ? 5   GLY A CA  1 
ATOM   31  C  C   . GLY A 1 5  ? -3.896 -7.204 -7.266 1.00 21.51 ? 5   GLY A C   1 
ATOM   32  O  O   . GLY A 1 5  ? -4.046 -7.384 -8.499 1.00 24.81 ? 5   GLY A O   1 
ATOM   33  N  N   . ASP A 1 6  ? -3.891 -5.981 -6.694 1.00 18.50 ? 6   ASP A N   1 
ATOM   34  C  CA  . ASP A 1 6  ? -4.047 -4.751 -7.476 1.00 20.62 ? 6   ASP A CA  1 
ATOM   35  C  C   . ASP A 1 6  ? -2.773 -3.884 -7.411 1.00 18.55 ? 6   ASP A C   1 
ATOM   36  O  O   . ASP A 1 6  ? -2.812 -2.675 -7.664 1.00 20.64 ? 6   ASP A O   1 
ATOM   37  C  CB  . ASP A 1 6  ? -5.272 -3.940 -6.989 1.00 20.92 ? 6   ASP A CB  1 
ATOM   38  C  CG  . ASP A 1 6  ? -5.139 -3.458 -5.518 1.00 19.96 ? 6   ASP A CG  1 
ATOM   39  O  OD1 . ASP A 1 6  ? -4.188 -3.882 -4.809 1.00 16.78 ? 6   ASP A OD1 1 
ATOM   40  O  OD2 . ASP A 1 6  ? -6.018 -2.662 -5.080 1.00 20.15 ? 6   ASP A OD2 1 
ATOM   41  N  N   . GLY A 1 7  ? -1.655 -4.520 -7.123 1.00 17.06 ? 7   GLY A N   1 
ATOM   42  C  CA  . GLY A 1 7  ? -0.395 -3.838 -7.030 1.00 18.43 ? 7   GLY A CA  1 
ATOM   43  C  C   . GLY A 1 7  ? -0.323 -2.911 -5.825 1.00 15.77 ? 7   GLY A C   1 
ATOM   44  O  O   . GLY A 1 7  ? -0.987 -3.137 -4.790 1.00 16.03 ? 7   GLY A O   1 
ATOM   45  N  N   . ASP A 1 8  ? 0.549  -1.927 -5.930 1.00 17.44 ? 8   ASP A N   1 
ATOM   46  C  CA  . ASP A 1 8  ? 0.875  -1.065 -4.823 1.00 16.85 ? 8   ASP A CA  1 
ATOM   47  C  C   . ASP A 1 8  ? -0.325 -0.212 -4.439 1.00 16.28 ? 8   ASP A C   1 
ATOM   48  O  O   . ASP A 1 8  ? -1.006 0.351  -5.309 1.00 18.92 ? 8   ASP A O   1 
ATOM   49  C  CB  . ASP A 1 8  ? 2.054  -0.150 -5.221 1.00 17.30 ? 8   ASP A CB  1 
ATOM   50  C  CG  . ASP A 1 8  ? 2.592  0.662  -4.060 1.00 17.75 ? 8   ASP A CG  1 
ATOM   51  O  OD1 . ASP A 1 8  ? 2.734  0.104  -2.938 1.00 16.57 ? 8   ASP A OD1 1 
ATOM   52  O  OD2 . ASP A 1 8  ? 2.903  1.867  -4.277 1.00 17.47 ? 8   ASP A OD2 1 
ATOM   53  N  N   . GLY A 1 9  ? -0.501 -0.007 -3.140 1.00 14.27 ? 9   GLY A N   1 
ATOM   54  C  CA  . GLY A 1 9  ? -1.627 0.733  -2.643 1.00 14.33 ? 9   GLY A CA  1 
ATOM   55  C  C   . GLY A 1 9  ? -2.983 0.057  -2.911 1.00 15.58 ? 9   GLY A C   1 
ATOM   56  O  O   . GLY A 1 9  ? -3.052 -1.137 -3.151 1.00 16.58 ? 9   GLY A O   1 
HETATM 57  N  N   . 2TL A 1 10 ? -4.044 0.856  -2.950 1.00 18.40 ? 10  2TL A N   1 
HETATM 58  C  CA  . 2TL A 1 10 ? -5.364 0.343  -3.103 1.00 18.46 ? 10  2TL A CA  1 
HETATM 59  C  CB  . 2TL A 1 10 ? -6.390 1.452  -3.192 1.00 23.49 ? 10  2TL A CB  1 
HETATM 60  O  OG1 . 2TL A 1 10 ? -7.704 0.907  -3.291 1.00 27.02 ? 10  2TL A OG1 1 
HETATM 61  C  CG2 . 2TL A 1 10 ? -6.133 2.400  -4.381 1.00 24.81 ? 10  2TL A CG2 1 
HETATM 62  C  C   . 2TL A 1 10 ? -5.719 -0.597 -2.009 1.00 16.63 ? 10  2TL A C   1 
HETATM 63  O  O   . 2TL A 1 10 ? -5.549 -0.280 -0.853 1.00 18.83 ? 10  2TL A O   1 
ATOM   64  N  N   . ILE A 1 11 ? -6.130 -1.815 -2.354 1.00 17.36 ? 11  ILE A N   1 
ATOM   65  C  CA  . ILE A 1 11 ? -6.437 -2.799 -1.319 1.00 17.80 ? 11  ILE A CA  1 
ATOM   66  C  C   . ILE A 1 11 ? -5.092 -3.317 -0.735 1.00 16.06 ? 11  ILE A C   1 
ATOM   67  O  O   . ILE A 1 11 ? -4.210 -3.682 -1.482 1.00 16.49 ? 11  ILE A O   1 
ATOM   68  C  CB  . ILE A 1 11 ? -7.211 -4.019 -1.873 1.00 20.08 ? 11  ILE A CB  1 
ATOM   69  C  CG1 . ILE A 1 11 ? -8.416 -3.589 -2.736 1.00 23.72 ? 11  ILE A CG1 1 
ATOM   70  C  CG2 . ILE A 1 11 ? -7.651 -4.905 -0.719 1.00 22.91 ? 11  ILE A CG2 1 
ATOM   71  C  CD1 . ILE A 1 11 ? -8.868 -4.664 -3.741 1.00 32.31 ? 11  ILE A CD1 1 
ATOM   72  N  N   . PRO A 1 12 ? -4.957 -3.355 0.624  1.00 16.16 ? 12  PRO A N   1 
ATOM   73  C  CA  . PRO A 1 12 ? -3.677 -3.815 1.168  1.00 15.14 ? 12  PRO A CA  1 
ATOM   74  C  C   . PRO A 1 12 ? -3.375 -5.260 0.764  1.00 16.37 ? 12  PRO A C   1 
ATOM   75  O  O   . PRO A 1 12 ? -4.257 -6.119 0.796  1.00 17.00 ? 12  PRO A O   1 
ATOM   76  C  CB  . PRO A 1 12 ? -3.872 -3.700 2.701  1.00 18.84 ? 12  PRO A CB  1 
ATOM   77  C  CG  . PRO A 1 12 ? -4.918 -2.685 2.870  1.00 19.52 ? 12  PRO A CG  1 
ATOM   78  C  CD  . PRO A 1 12 ? -5.850 -2.854 1.679  1.00 19.61 ? 12  PRO A CD  1 
HETATM 79  C  C   . 9GE B 1 1  ? -4.004 1.593  5.047  1.00 17.04 ? 1   9GE B C   1 
HETATM 80  O  O   . 9GE B 1 1  ? -3.762 0.993  3.959  1.00 17.26 ? 1   9GE B O   1 
HETATM 81  C  CA  . 9GE B 1 1  ? -5.258 1.317  5.814  1.00 18.20 ? 1   9GE B CA  1 
HETATM 82  C  C04 . 9GE B 1 1  ? -6.108 0.349  5.493  1.00 22.70 ? 1   9GE B C04 1 
HETATM 83  C  C05 . 9GE B 1 1  ? -7.202 -0.235 6.396  1.00 26.49 ? 1   9GE B C05 1 
HETATM 84  C  C06 . 9GE B 1 1  ? -6.942 -1.639 7.015  1.00 38.73 ? 1   9GE B C06 1 
ATOM   85  N  N   . ASP B 1 2  ? -3.182 2.495  5.605  1.00 15.89 ? 2   ASP B N   1 
ATOM   86  C  CA  . ASP B 1 2  ? -1.911 2.887  5.018  1.00 15.86 ? 2   ASP B CA  1 
ATOM   87  C  C   . ASP B 1 2  ? -0.791 2.659  6.049  1.00 15.65 ? 2   ASP B C   1 
ATOM   88  O  O   . ASP B 1 2  ? -1.054 2.435  7.223  1.00 15.81 ? 2   ASP B O   1 
ATOM   89  C  CB  . ASP B 1 2  ? -1.922 4.397  4.605  1.00 15.22 ? 2   ASP B CB  1 
ATOM   90  C  CG  . ASP B 1 2  ? -3.003 4.731  3.583  1.00 17.26 ? 2   ASP B CG  1 
ATOM   91  O  OD1 . ASP B 1 2  ? -3.388 3.830  2.789  1.00 18.14 ? 2   ASP B OD1 1 
ATOM   92  O  OD2 . ASP B 1 2  ? -3.440 5.908  3.546  1.00 19.37 ? 2   ASP B OD2 1 
HETATM 93  N  N   . DNP B 1 3  ? 0.453  2.767  5.598  1.00 13.66 ? 3   DNP B N   1 
HETATM 94  C  CA  . DNP B 1 3  ? 1.605  2.706  6.490  1.00 14.67 ? 3   DNP B CA  1 
HETATM 95  C  CB  . DNP B 1 3  ? 2.099  1.288  6.587  1.00 16.85 ? 3   DNP B CB  1 
HETATM 96  N  NG  . DNP B 1 3  ? 2.438  0.713  5.404  1.00 15.11 ? 3   DNP B NG  1 
HETATM 97  C  C   . DNP B 1 3  ? 2.727  3.624  5.908  1.00 15.21 ? 3   DNP B C   1 
HETATM 98  O  O   . DNP B 1 3  ? 2.642  4.032  4.744  1.00 14.77 ? 3   DNP B O   1 
HETATM 99  N  N   . CPI B 1 4  ? 3.791  3.892  6.692  1.00 16.85 ? 4   CPI B N   1 
HETATM 100 C  CE  . CPI B 1 4  ? 3.819  3.715  8.203  1.00 17.00 ? 4   CPI B CE  1 
HETATM 101 C  CD  . CPI B 1 4  ? 5.079  2.989  8.665  1.00 17.15 ? 4   CPI B CD  1 
HETATM 102 C  CG  . CPI B 1 4  ? 6.313  3.687  8.101  1.00 17.83 ? 4   CPI B CG  1 
HETATM 103 C  CB  . CPI B 1 4  ? 6.226  3.792  6.569  1.00 18.41 ? 4   CPI B CB  1 
HETATM 104 C  CA  . CPI B 1 4  ? 4.980  4.505  6.135  1.00 16.78 ? 4   CPI B CA  1 
HETATM 105 C  C   . CPI B 1 4  ? 5.067  5.994  6.279  1.00 16.82 ? 4   CPI B C   1 
HETATM 106 O  O   . CPI B 1 4  ? 6.157  6.588  6.114  1.00 20.51 ? 4   CPI B O   1 
ATOM   107 N  N   . GLY B 1 5  ? 3.934  6.632  6.601  1.00 16.58 ? 5   GLY B N   1 
ATOM   108 C  CA  . GLY B 1 5  ? 3.869  8.073  6.706  1.00 17.54 ? 5   GLY B CA  1 
ATOM   109 C  C   . GLY B 1 5  ? 3.885  8.769  5.362  1.00 18.05 ? 5   GLY B C   1 
ATOM   110 O  O   . GLY B 1 5  ? 3.995  10.024 5.292  1.00 21.24 ? 5   GLY B O   1 
ATOM   111 N  N   . ASP B 1 6  ? 3.737  7.969  4.280  1.00 16.36 ? 6   ASP B N   1 
ATOM   112 C  CA  . ASP B 1 6  ? 3.745  8.493  2.909  1.00 17.37 ? 6   ASP B CA  1 
ATOM   113 C  C   . ASP B 1 6  ? 2.437  8.178  2.179  1.00 17.87 ? 6   ASP B C   1 
ATOM   114 O  O   . ASP B 1 6  ? 2.363  8.259  0.945  1.00 21.39 ? 6   ASP B O   1 
ATOM   115 C  CB  . ASP B 1 6  ? 4.967  7.934  2.110  1.00 20.18 ? 6   ASP B CB  1 
ATOM   116 C  CG  . ASP B 1 6  ? 4.903  6.426  1.902  1.00 19.18 ? 6   ASP B CG  1 
ATOM   117 O  OD1 . ASP B 1 6  ? 3.984  5.761  2.493  1.00 17.36 ? 6   ASP B OD1 1 
ATOM   118 O  OD2 . ASP B 1 6  ? 5.801  5.889  1.217  1.00 20.57 ? 6   ASP B OD2 1 
ATOM   119 N  N   . GLY B 1 7  ? 1.383  7.909  2.943  1.00 18.45 ? 7   GLY B N   1 
ATOM   120 C  CA  . GLY B 1 7  ? 0.084  7.663  2.371  1.00 17.70 ? 7   GLY B CA  1 
ATOM   121 C  C   . GLY B 1 7  ? -0.019 6.289  1.722  1.00 15.93 ? 7   GLY B C   1 
ATOM   122 O  O   . GLY B 1 7  ? 0.726  5.373  2.058  1.00 15.83 ? 7   GLY B O   1 
ATOM   123 N  N   . ASP B 1 8  ? -0.974 6.157  0.815  1.00 16.77 ? 8   ASP B N   1 
ATOM   124 C  CA  . ASP B 1 8  ? -1.304 4.887  0.225  1.00 16.77 ? 8   ASP B CA  1 
ATOM   125 C  C   . ASP B 1 8  ? -0.147 4.411  -0.677 1.00 16.48 ? 8   ASP B C   1 
ATOM   126 O  O   . ASP B 1 8  ? 0.464  5.214  -1.396 1.00 19.09 ? 8   ASP B O   1 
ATOM   127 C  CB  . ASP B 1 8  ? -2.581 5.019  -0.584 1.00 17.87 ? 8   ASP B CB  1 
ATOM   128 C  CG  . ASP B 1 8  ? -3.099 3.659  -1.116 1.00 19.04 ? 8   ASP B CG  1 
ATOM   129 O  OD1 . ASP B 1 8  ? -3.049 2.642  -0.356 1.00 17.55 ? 8   ASP B OD1 1 
ATOM   130 O  OD2 . ASP B 1 8  ? -3.549 3.619  -2.287 1.00 20.65 ? 8   ASP B OD2 1 
ATOM   131 N  N   . GLY B 1 9  ? 0.145  3.110  -0.638 1.00 16.70 ? 9   GLY B N   1 
ATOM   132 C  CA  . GLY B 1 9  ? 1.252  2.566  -1.415 1.00 16.80 ? 9   GLY B CA  1 
ATOM   133 C  C   . GLY B 1 9  ? 2.594  3.105  -0.907 1.00 15.54 ? 9   GLY B C   1 
ATOM   134 O  O   . GLY B 1 9  ? 2.704  3.506  0.232  1.00 15.51 ? 9   GLY B O   1 
HETATM 135 N  N   . 2TL B 1 10 ? 3.612  3.146  -1.786 1.00 16.67 ? 10  2TL B N   1 
HETATM 136 C  CA  . 2TL B 1 10 ? 4.975  3.484  -1.357 1.00 17.74 ? 10  2TL B CA  1 
HETATM 137 C  CB  . 2TL B 1 10 ? 5.969  3.623  -2.496 1.00 23.21 ? 10  2TL B CB  1 
HETATM 138 O  OG1 . 2TL B 1 10 ? 5.570  4.657  -3.388 1.00 27.03 ? 10  2TL B OG1 1 
HETATM 139 C  CG2 . 2TL B 1 10 ? 6.103  2.332  -3.281 1.00 21.94 ? 10  2TL B CG2 1 
HETATM 140 C  C   . 2TL B 1 10 ? 5.446  2.554  -0.318 1.00 16.15 ? 10  2TL B C   1 
HETATM 141 O  O   . 2TL B 1 10 ? 5.301  1.343  -0.451 1.00 17.39 ? 10  2TL B O   1 
ATOM   142 N  N   . ILE B 1 11 ? 6.027  3.083  0.750  1.00 18.32 ? 11  ILE B N   1 
ATOM   143 C  CA  . ILE B 1 11 ? 6.484  2.241  1.835  1.00 17.66 ? 11  ILE B CA  1 
ATOM   144 C  C   . ILE B 1 11 ? 5.245  1.725  2.602  1.00 15.53 ? 11  ILE B C   1 
ATOM   145 O  O   . ILE B 1 11 ? 4.332  2.485  2.847  1.00 15.79 ? 11  ILE B O   1 
ATOM   146 C  CB  . ILE B 1 11 ? 7.420  3.013  2.778  1.00 20.62 ? 11  ILE B CB  1 
ATOM   147 C  CG1 . ILE B 1 11 ? 8.602  3.589  1.986  1.00 26.39 ? 11  ILE B CG1 1 
ATOM   148 C  CG2 . ILE B 1 11 ? 7.917  2.130  3.867  1.00 21.38 ? 11  ILE B CG2 1 
ATOM   149 C  CD1 . ILE B 1 11 ? 9.110  4.883  2.531  1.00 33.09 ? 11  ILE B CD1 1 
ATOM   150 N  N   . PRO B 1 12 ? 5.182  0.392  2.874  1.00 16.94 ? 12  PRO B N   1 
ATOM   151 C  CA  . PRO B 1 12 ? 3.993  -0.136 3.568  1.00 16.57 ? 12  PRO B CA  1 
ATOM   152 C  C   . PRO B 1 12 ? 3.819  0.459  4.982  1.00 16.24 ? 12  PRO B C   1 
ATOM   153 O  O   . PRO B 1 12 ? 4.809  0.783  5.665  1.00 18.57 ? 12  PRO B O   1 
ATOM   154 C  CB  . PRO B 1 12 ? 4.256  -1.637 3.645  1.00 18.26 ? 12  PRO B CB  1 
ATOM   155 C  CG  . PRO B 1 12 ? 5.216  -1.925 2.578  1.00 22.18 ? 12  PRO B CG  1 
ATOM   156 C  CD  . PRO B 1 12 ? 6.086  -0.688 2.452  1.00 18.39 ? 12  PRO B CD  1 
HETATM 157 C  C2  . 9GB C 2 .  ? 0.939  -4.289 2.651  1.00 19.70 ? 101 9GB A C2  1 
HETATM 158 C  C4  . 9GB C 2 .  ? 3.113  -5.436 2.298  1.00 26.38 ? 101 9GB A C4  1 
HETATM 159 C  C5  . 9GB C 2 .  ? 1.382  -6.195 4.085  1.00 31.48 ? 101 9GB A C5  1 
HETATM 160 C  C6  . 9GB C 2 .  ? 2.307  -5.981 5.248  1.00 40.09 ? 101 9GB A C6  1 
HETATM 161 O  O3A . 9GB C 2 .  ? -0.826 -1.236 0.044  1.00 15.29 ? 101 9GB A O3A 1 
HETATM 162 P  PA  . 9GB C 2 .  ? -0.148 -2.450 -0.622 1.00 13.78 ? 101 9GB A PA  1 
HETATM 163 O  O1A . 9GB C 2 .  ? -1.078 -3.207 -1.510 1.00 14.67 ? 101 9GB A O1A 1 
HETATM 164 O  O2A . 9GB C 2 .  ? 1.161  -2.057 -1.239 1.00 16.17 ? 101 9GB A O2A 1 
HETATM 165 O  O1  . 9GB C 2 .  ? 0.183  -3.510 0.540  1.00 15.09 ? 101 9GB A O1  1 
HETATM 166 C  C1  . 9GB C 2 .  ? 1.211  -3.318 1.522  1.00 17.38 ? 101 9GB A C1  1 
HETATM 167 C  C3  . 9GB C 2 .  ? 1.773  -5.258 2.981  1.00 24.72 ? 101 9GB A C3  1 
HETATM 168 CA CA  . CA  D 3 .  ? -2.640 -3.372 -3.162 1.00 14.82 ? 102 CA  A CA  1 
HETATM 169 CA CA  . CA  E 3 .  ? 3.331  -1.739 -1.696 1.00 15.57 ? 103 CA  A CA  1 
HETATM 170 CL CL  . CL  F 4 .  ? -0.209 -7.394 -7.162 1.00 19.38 ? 104 CL  A CL  1 
HETATM 171 C  C   . ACY G 5 .  ? 0.015  5.020  -6.416 1.00 68.93 ? 105 ACY A C   1 
HETATM 172 O  O   . ACY G 5 .  ? 1.079  5.214  -5.772 1.00 65.24 ? 105 ACY A O   1 
HETATM 173 O  OXT . ACY G 5 .  ? -0.898 4.262  -5.990 1.00 63.25 ? 105 ACY A OXT 1 
HETATM 174 C  CH3 . ACY G 5 .  ? -0.173 5.722  -7.733 1.00 66.45 ? 105 ACY A CH3 1 
HETATM 175 C  C   . ACY H 5 .  ? 7.452  -3.395 -4.141 1.00 46.13 ? 106 ACY A C   1 
HETATM 176 O  O   . ACY H 5 .  ? 7.329  -4.643 -4.210 1.00 50.29 ? 106 ACY A O   1 
HETATM 177 O  OXT . ACY H 5 .  ? 8.354  -2.776 -4.739 1.00 89.44 ? 106 ACY A OXT 1 
HETATM 178 C  CH3 . ACY H 5 .  ? 6.496  -2.623 -3.310 1.00 47.49 ? 106 ACY A CH3 1 
HETATM 179 C  C2  . 9GB I 2 .  ? -0.401 -1.800 4.842  1.00 20.02 ? 101 9GB B C2  1 
HETATM 180 C  C4  . 9GB I 2 .  ? -2.455 -1.325 6.247  1.00 26.26 ? 101 9GB B C4  1 
HETATM 181 C  C5  . 9GB I 2 .  ? -0.544 -2.871 7.078  1.00 31.97 ? 101 9GB B C5  1 
HETATM 182 C  C6  . 9GB I 2 .  ? -1.516 -4.069 7.316  1.00 42.81 ? 101 9GB B C6  1 
HETATM 183 O  O3A . 9GB I 2 .  ? 1.133  2.209  2.736  1.00 14.02 ? 101 9GB B O3A 1 
HETATM 184 P  PA  . 9GB I 2 .  ? 0.228  1.118  2.279  1.00 13.64 ? 101 9GB B PA  1 
HETATM 185 O  O1A . 9GB I 2 .  ? 0.831  0.259  1.174  1.00 15.54 ? 101 9GB B O1A 1 
HETATM 186 O  O2A . 9GB I 2 .  ? -1.144 1.575  1.905  1.00 14.96 ? 101 9GB B O2A 1 
HETATM 187 O  O1  . 9GB I 2 .  ? 0.096  0.174  3.572  1.00 15.87 ? 101 9GB B O1  1 
HETATM 188 C  C1  . 9GB I 2 .  ? -0.853 -0.896 3.699  1.00 16.91 ? 101 9GB B C1  1 
HETATM 189 C  C3  . 9GB I 2 .  ? -1.099 -1.954 6.015  1.00 25.33 ? 101 9GB B C3  1 
HETATM 190 C  C7  . 9GB I 2 .  ? -2.111 -4.572 5.995  1.00 60.03 ? 101 9GB B C7  1 
HETATM 191 CA CA  . CA  J 3 .  ? 2.571  3.938  2.465  1.00 14.55 ? 102 CA  B CA  1 
HETATM 192 CA CA  . CA  K 3 .  ? -3.393 1.757  1.720  1.00 16.11 ? 103 CA  B CA  1 
HETATM 193 C  C   . ACY L 5 .  ? -6.468 5.023  2.362  1.00 76.58 ? 104 ACY B C   1 
HETATM 194 O  O   . ACY L 5 .  ? -6.574 4.440  3.496  1.00 62.19 ? 104 ACY B O   1 
HETATM 195 O  OXT . ACY L 5 .  ? -5.829 6.126  2.220  1.00 47.24 ? 104 ACY B OXT 1 
HETATM 196 C  CH3 . ACY L 5 .  ? -7.112 4.382  1.144  1.00 64.04 ? 104 ACY B CH3 1 
HETATM 197 O  O   . HOH M 6 .  ? 4.602  -2.733 -6.796 1.00 33.05 ? 201 HOH A O   1 
HETATM 198 O  O   . HOH M 6 .  ? 2.823  -6.691 -6.589 1.00 17.63 ? 202 HOH A O   1 
HETATM 199 O  O   . HOH M 6 .  ? 3.578  2.775  -6.707 1.00 32.26 ? 203 HOH A O   1 
HETATM 200 O  O   . HOH M 6 .  ? -3.284 -0.397 0.748  1.00 14.98 ? 204 HOH A O   1 
HETATM 201 O  O   . HOH M 6 .  ? -1.014 -8.266 -4.243 1.00 18.57 ? 205 HOH A O   1 
HETATM 202 O  O   . HOH M 6 .  ? -5.660 1.586  1.192  1.00 21.21 ? 206 HOH A O   1 
HETATM 203 O  O   . HOH M 6 .  ? -3.503 -0.221 -6.553 1.00 36.07 ? 207 HOH A O   1 
HETATM 204 O  O   . HOH M 6 .  ? 2.283  -1.545 -8.311 1.00 31.79 ? 208 HOH A O   1 
HETATM 205 O  O   . HOH M 6 .  ? -6.538 -7.346 2.578  1.00 52.35 ? 209 HOH A O   1 
HETATM 206 O  O   . HOH N 6 .  ? -4.404 5.816  -3.485 1.00 49.20 ? 201 HOH B O   1 
HETATM 207 O  O   . HOH N 6 .  ? 7.488  7.267  -0.328 1.00 34.00 ? 202 HOH B O   1 
HETATM 208 O  O   . HOH N 6 .  ? 5.142  7.132  -2.463 1.00 32.72 ? 203 HOH B O   1 
HETATM 209 O  O   . HOH N 6 .  ? 2.884  6.666  -1.175 1.00 32.46 ? 204 HOH B O   1 
HETATM 210 O  O   . HOH N 6 .  ? 3.293  -0.362 0.239  1.00 15.95 ? 205 HOH B O   1 
HETATM 211 O  O   . HOH N 6 .  ? 5.586  -0.985 -1.837 1.00 20.80 ? 206 HOH B O   1 
HETATM 212 O  O   . HOH N 6 .  ? -0.371 7.746  -2.392 1.00 46.36 ? 207 HOH B O   1 
HETATM 213 O  O   . HOH N 6 .  ? -2.510 8.507  -0.062 1.00 32.67 ? 208 HOH B O   1 
# 
loop_
_atom_site_anisotrop.id 
_atom_site_anisotrop.type_symbol 
_atom_site_anisotrop.pdbx_label_atom_id 
_atom_site_anisotrop.pdbx_label_alt_id 
_atom_site_anisotrop.pdbx_label_comp_id 
_atom_site_anisotrop.pdbx_label_asym_id 
_atom_site_anisotrop.pdbx_label_seq_id 
_atom_site_anisotrop.pdbx_PDB_ins_code 
_atom_site_anisotrop.U[1][1] 
_atom_site_anisotrop.U[2][2] 
_atom_site_anisotrop.U[3][3] 
_atom_site_anisotrop.U[1][2] 
_atom_site_anisotrop.U[1][3] 
_atom_site_anisotrop.U[2][3] 
_atom_site_anisotrop.pdbx_auth_seq_id 
_atom_site_anisotrop.pdbx_auth_comp_id 
_atom_site_anisotrop.pdbx_auth_asym_id 
_atom_site_anisotrop.pdbx_auth_atom_id 
1   C  C   . 9GE A 1  ? 0.1840 0.1796 0.2210 0.0226  -0.0001 -0.0216 1   9GE A C   
2   O  O   . 9GE A 1  ? 0.1864 0.1861 0.2406 0.0153  -0.0008 -0.0440 1   9GE A O   
3   C  CA  . 9GE A 1  ? 0.1918 0.2483 0.2617 0.0707  -0.0136 -0.0750 1   9GE A CA  
4   C  C04 . 9GE A 1  ? 0.2255 0.3874 0.3723 0.0183  -0.0472 -0.1191 1   9GE A C04 
5   C  C05 . 9GE A 1  ? 0.2205 0.4305 0.5452 0.0441  -0.0186 -0.0326 1   9GE A C05 
6   C  C06 . 9GE A 1  ? 0.4829 0.4096 0.5773 0.2486  -0.1512 -0.0038 1   9GE A C06 
7   N  N   . ASP A 2  ? 0.1679 0.1808 0.2254 0.0341  0.0017  -0.0500 2   ASP A N   
8   C  CA  . ASP A 2  ? 0.1752 0.1454 0.2221 0.0329  0.0060  -0.0544 2   ASP A CA  
9   C  C   . ASP A 2  ? 0.1392 0.2074 0.1911 0.0132  -0.0205 -0.0230 2   ASP A C   
10  O  O   . ASP A 2  ? 0.1629 0.2160 0.2174 0.0379  0.0178  -0.0193 2   ASP A O   
11  C  CB  . ASP A 2  ? 0.1793 0.2204 0.2192 0.0267  0.0314  -0.0282 2   ASP A CB  
12  C  CG  . ASP A 2  ? 0.2138 0.1741 0.2198 0.0269  0.0235  -0.0615 2   ASP A CG  
13  O  OD1 . ASP A 2  ? 0.2199 0.2012 0.2070 0.0002  0.0350  -0.0637 2   ASP A OD1 
14  O  OD2 . ASP A 2  ? 0.2790 0.2307 0.2336 -0.0170 0.0636  -0.0701 2   ASP A OD2 
15  N  N   . DNP A 3  ? 0.1386 0.1969 0.2300 0.0033  -0.0081 -0.0073 3   DNP A N   
16  C  CA  . DNP A 3  ? 0.1486 0.1839 0.2142 0.0029  0.0009  -0.0223 3   DNP A CA  
17  C  CB  . DNP A 3  ? 0.1621 0.1900 0.2348 -0.0050 0.0245  -0.0142 3   DNP A CB  
18  N  NG  . DNP A 3  ? 0.1737 0.2157 0.1915 0.0020  0.0119  -0.0237 3   DNP A NG  
19  C  C   . DNP A 3  ? 0.1524 0.1997 0.1874 -0.0030 0.0068  -0.0233 3   DNP A C   
20  O  O   . DNP A 3  ? 0.1659 0.1890 0.2197 -0.0009 0.0033  -0.0132 3   DNP A O   
21  N  N   . CPI A 4  ? 0.1743 0.1813 0.2700 -0.0055 -0.0218 -0.0190 4   CPI A N   
22  C  CE  . CPI A 4  ? 0.2521 0.1884 0.2683 -0.0256 -0.0151 -0.0182 4   CPI A CE  
23  C  CD  . CPI A 4  ? 0.2478 0.2088 0.2871 -0.0288 -0.0137 -0.0075 4   CPI A CD  
24  C  CG  . CPI A 4  ? 0.2193 0.2793 0.3636 -0.0291 0.0113  0.0249  4   CPI A CG  
25  C  CB  . CPI A 4  ? 0.1737 0.2662 0.2727 -0.0070 -0.0259 -0.0051 4   CPI A CB  
26  C  CA  . CPI A 4  ? 0.1786 0.2197 0.2588 -0.0165 -0.0238 -0.0180 4   CPI A CA  
27  C  C   . CPI A 4  ? 0.2012 0.2513 0.2501 -0.0063 -0.0019 -0.0241 4   CPI A C   
28  O  O   . CPI A 4  ? 0.2420 0.3392 0.2850 -0.0259 -0.0430 -0.0593 4   CPI A O   
29  N  N   . GLY A 5  ? 0.1957 0.2118 0.2819 -0.0130 -0.0001 -0.0369 5   GLY A N   
30  C  CA  . GLY A 5  ? 0.3083 0.2014 0.3194 -0.0124 -0.0066 -0.0956 5   GLY A CA  
31  C  C   . GLY A 5  ? 0.2770 0.2697 0.2705 -0.0136 -0.0450 -0.0790 5   GLY A C   
32  O  O   . GLY A 5  ? 0.4111 0.2693 0.2622 -0.0387 -0.0475 -0.0619 5   GLY A O   
33  N  N   . ASP A 6  ? 0.2601 0.2319 0.2108 0.0026  -0.0423 -0.0433 6   ASP A N   
34  C  CA  . ASP A 6  ? 0.2810 0.2330 0.2694 0.0138  -0.0456 -0.0295 6   ASP A CA  
35  C  C   . ASP A 6  ? 0.2629 0.2280 0.2138 0.0168  -0.0261 -0.0208 6   ASP A C   
36  O  O   . ASP A 6  ? 0.3172 0.2419 0.2248 0.0328  -0.0167 -0.0081 6   ASP A O   
37  C  CB  . ASP A 6  ? 0.2614 0.2656 0.2679 0.0321  -0.0686 -0.0234 6   ASP A CB  
38  C  CG  . ASP A 6  ? 0.2158 0.2644 0.2779 0.0149  -0.0622 -0.0285 6   ASP A CG  
39  O  OD1 . ASP A 6  ? 0.2053 0.2240 0.2080 0.0010  -0.0229 -0.0105 6   ASP A OD1 
40  O  OD2 . ASP A 6  ? 0.2321 0.2627 0.2708 0.0437  -0.0641 -0.0234 6   ASP A OD2 
41  N  N   . GLY A 7  ? 0.2560 0.2039 0.1881 -0.0038 -0.0221 -0.0334 7   GLY A N   
42  C  CA  . GLY A 7  ? 0.2684 0.2371 0.1945 -0.0198 0.0110  -0.0159 7   GLY A CA  
43  C  C   . GLY A 7  ? 0.2241 0.1822 0.1927 0.0184  0.0150  0.0006  7   GLY A C   
44  O  O   . GLY A 7  ? 0.2155 0.2134 0.1801 0.0061  -0.0071 -0.0148 7   GLY A O   
45  N  N   . ASP A 8  ? 0.2848 0.2316 0.1463 -0.0272 0.0667  -0.0129 8   ASP A N   
46  C  CA  . ASP A 8  ? 0.2499 0.2397 0.1503 0.0035  0.0376  -0.0211 8   ASP A CA  
47  C  C   . ASP A 8  ? 0.2435 0.2069 0.1679 -0.0022 0.0234  -0.0036 8   ASP A C   
48  O  O   . ASP A 8  ? 0.2871 0.2074 0.2243 0.0130  -0.0044 0.0066  8   ASP A O   
49  C  CB  . ASP A 8  ? 0.2543 0.2118 0.1910 -0.0001 0.0256  -0.0107 8   ASP A CB  
50  C  CG  . ASP A 8  ? 0.2854 0.1981 0.1909 -0.0371 0.0711  -0.0345 8   ASP A CG  
51  O  OD1 . ASP A 8  ? 0.2225 0.2070 0.2001 0.0142  0.0451  -0.0395 8   ASP A OD1 
52  O  OD2 . ASP A 8  ? 0.2681 0.2058 0.1896 -0.0312 0.0414  -0.0081 8   ASP A OD2 
53  N  N   . GLY A 9  ? 0.1669 0.2062 0.1690 0.0264  0.0048  -0.0235 9   GLY A N   
54  C  CA  . GLY A 9  ? 0.1604 0.1930 0.1908 0.0280  -0.0050 -0.0196 9   GLY A CA  
55  C  C   . GLY A 9  ? 0.1656 0.2002 0.2260 0.0246  -0.0190 -0.0429 9   GLY A C   
56  O  O   . GLY A 9  ? 0.2109 0.1980 0.2207 0.0217  -0.0163 -0.0521 9   GLY A O   
57  N  N   . 2TL A 10 ? 0.1994 0.1831 0.3164 0.0369  -0.0484 -0.0500 10  2TL A N   
58  C  CA  . 2TL A 10 ? 0.1921 0.2497 0.2594 0.0261  -0.0263 -0.0363 10  2TL A CA  
59  C  CB  . 2TL A 10 ? 0.2010 0.3277 0.3638 0.0662  -0.0704 -0.0117 10  2TL A CB  
60  O  OG1 . 2TL A 10 ? 0.2184 0.2959 0.5121 0.0684  -0.0710 -0.0001 10  2TL A OG1 
61  C  CG2 . 2TL A 10 ? 0.2641 0.2916 0.3870 0.0374  -0.0819 -0.0242 10  2TL A CG2 
62  C  C   . 2TL A 10 ? 0.1561 0.1964 0.2794 0.0075  -0.0094 -0.0390 10  2TL A C   
63  O  O   . 2TL A 10 ? 0.1827 0.2644 0.2683 0.0554  -0.0309 -0.0474 10  2TL A O   
64  N  N   . ILE A 11 ? 0.1739 0.2014 0.2843 0.0276  -0.0250 -0.0502 11  ILE A N   
65  C  CA  . ILE A 11 ? 0.1661 0.2124 0.2978 0.0352  0.0094  -0.0389 11  ILE A CA  
66  C  C   . ILE A 11 ? 0.1361 0.2161 0.2579 -0.0003 0.0093  -0.0384 11  ILE A C   
67  O  O   . ILE A 11 ? 0.1590 0.2358 0.2314 0.0324  0.0032  -0.0191 11  ILE A O   
68  C  CB  . ILE A 11 ? 0.1713 0.2541 0.3375 0.0215  0.0012  -0.0690 11  ILE A CB  
69  C  CG1 . ILE A 11 ? 0.1653 0.3305 0.4051 0.0322  0.0050  -0.0353 11  ILE A CG1 
70  C  CG2 . ILE A 11 ? 0.1867 0.3375 0.3462 0.0038  0.0268  -0.0452 11  ILE A CG2 
71  C  CD1 . ILE A 11 ? 0.2413 0.4786 0.5075 -0.0631 -0.0480 -0.0329 11  ILE A CD1 
72  N  N   . PRO A 12 ? 0.1403 0.2193 0.2544 0.0140  0.0155  -0.0528 12  PRO A N   
73  C  CA  . PRO A 12 ? 0.1462 0.2010 0.2280 0.0023  0.0259  -0.0349 12  PRO A CA  
74  C  C   . PRO A 12 ? 0.1978 0.1907 0.2334 -0.0118 0.0028  -0.0275 12  PRO A C   
75  O  O   . PRO A 12 ? 0.1611 0.2077 0.2770 -0.0120 0.0297  -0.0182 12  PRO A O   
76  C  CB  . PRO A 12 ? 0.1949 0.2742 0.2464 -0.0048 0.0706  -0.0619 12  PRO A CB  
77  C  CG  . PRO A 12 ? 0.2005 0.2955 0.2454 0.0155  0.0629  -0.0532 12  PRO A CG  
78  C  CD  . PRO A 12 ? 0.1813 0.2913 0.2723 0.0175  0.0529  -0.0283 12  PRO A CD  
79  C  C   . 9GE B 1  ? 0.1987 0.1786 0.2700 0.0051  0.0456  -0.0469 1   9GE B C   
80  O  O   . 9GE B 1  ? 0.1728 0.2035 0.2794 0.0044  0.0187  -0.0536 1   9GE B O   
81  C  CA  . 9GE B 1  ? 0.2011 0.2044 0.2859 -0.0288 0.0550  -0.0653 1   9GE B CA  
82  C  C04 . 9GE B 1  ? 0.2273 0.2875 0.3475 -0.0685 0.0505  -0.1100 1   9GE B C04 
83  C  C05 . 9GE B 1  ? 0.1910 0.4325 0.3828 -0.0742 0.0622  -0.1333 1   9GE B C05 
84  C  C06 . 9GE B 1  ? 0.5958 0.3303 0.5453 -0.0458 0.2071  -0.1477 1   9GE B C06 
85  N  N   . ASP B 2  ? 0.2016 0.2084 0.1937 -0.0117 0.0338  -0.0240 2   ASP B N   
86  C  CA  . ASP B 2  ? 0.1954 0.2003 0.2070 0.0030  0.0308  -0.0636 2   ASP B CA  
87  C  C   . ASP B 2  ? 0.1770 0.2121 0.2054 -0.0076 0.0405  -0.0377 2   ASP B C   
88  O  O   . ASP B 2  ? 0.1812 0.2155 0.2039 -0.0030 0.0464  -0.0398 2   ASP B O   
89  C  CB  . ASP B 2  ? 0.1906 0.2104 0.1770 0.0196  0.0384  -0.0333 2   ASP B CB  
90  C  CG  . ASP B 2  ? 0.2160 0.2215 0.2182 0.0392  0.0106  -0.0288 2   ASP B CG  
91  O  OD1 . ASP B 2  ? 0.2121 0.2183 0.2589 0.0727  0.0017  -0.0371 2   ASP B OD1 
92  O  OD2 . ASP B 2  ? 0.2349 0.2302 0.2707 0.0617  -0.0052 -0.0443 2   ASP B OD2 
93  N  N   . DNP B 3  ? 0.1612 0.2000 0.1577 -0.0108 0.0138  -0.0171 3   DNP B N   
94  C  CA  . DNP B 3  ? 0.1787 0.2023 0.1763 -0.0042 0.0022  -0.0184 3   DNP B CA  
95  C  CB  . DNP B 3  ? 0.2173 0.2146 0.2081 0.0057  -0.0022 -0.0238 3   DNP B CB  
96  N  NG  . DNP B 3  ? 0.1959 0.1576 0.2204 0.0196  -0.0179 -0.0145 3   DNP B NG  
97  C  C   . DNP B 3  ? 0.1760 0.2052 0.1968 0.0048  0.0336  -0.0032 3   DNP B C   
98  O  O   . DNP B 3  ? 0.1851 0.1986 0.1774 -0.0262 -0.0049 -0.0064 3   DNP B O   
99  N  N   . CPI B 4  ? 0.2103 0.2318 0.1978 0.0007  0.0185  0.0012  4   CPI B N   
100 C  CE  . CPI B 4  ? 0.2025 0.2244 0.2188 -0.0152 0.0185  -0.0212 4   CPI B CE  
101 C  CD  . CPI B 4  ? 0.2268 0.2244 0.2003 -0.0120 -0.0216 -0.0355 4   CPI B CD  
102 C  CG  . CPI B 4  ? 0.1769 0.2380 0.2625 -0.0039 -0.0365 -0.0432 4   CPI B CG  
103 C  CB  . CPI B 4  ? 0.2015 0.2487 0.2493 -0.0042 0.0162  -0.0246 4   CPI B CB  
104 C  CA  . CPI B 4  ? 0.2030 0.2323 0.2020 0.0013  0.0330  -0.0204 4   CPI B CA  
105 C  C   . CPI B 4  ? 0.1959 0.2400 0.2032 0.0161  0.0102  -0.0257 4   CPI B C   
106 O  O   . CPI B 4  ? 0.1908 0.2351 0.3535 -0.0114 0.0191  -0.0385 4   CPI B O   
107 N  N   . GLY B 5  ? 0.1852 0.2261 0.2183 -0.0060 0.0247  -0.0276 5   GLY B N   
108 C  CA  . GLY B 5  ? 0.2016 0.2300 0.2348 -0.0153 0.0108  -0.0354 5   GLY B CA  
109 C  C   . GLY B 5  ? 0.2337 0.1970 0.2549 -0.0159 0.0363  -0.0483 5   GLY B C   
110 O  O   . GLY B 5  ? 0.3380 0.1868 0.2822 -0.0275 0.0163  -0.0542 5   GLY B O   
111 N  N   . ASP B 6  ? 0.2144 0.1971 0.2098 -0.0438 0.0394  -0.0384 6   ASP B N   
112 C  CA  . ASP B 6  ? 0.2655 0.1763 0.2180 -0.0313 0.0401  -0.0354 6   ASP B CA  
113 C  C   . ASP B 6  ? 0.2870 0.1753 0.2166 -0.0207 0.0178  -0.0169 6   ASP B C   
114 O  O   . ASP B 6  ? 0.3653 0.2395 0.2077 0.0361  0.0578  -0.0069 6   ASP B O   
115 C  CB  . ASP B 6  ? 0.2731 0.2620 0.2314 -0.0322 0.0705  -0.0347 6   ASP B CB  
116 C  CG  . ASP B 6  ? 0.2204 0.2541 0.2540 -0.0252 0.0856  -0.0452 6   ASP B CG  
117 O  OD1 . ASP B 6  ? 0.2345 0.2132 0.2119 -0.0096 0.0668  -0.0165 6   ASP B OD1 
118 O  OD2 . ASP B 6  ? 0.2330 0.2462 0.3024 -0.0707 0.1119  -0.0823 6   ASP B OD2 
119 N  N   . GLY B 7  ? 0.2712 0.2127 0.2171 -0.0073 0.0247  -0.0179 7   GLY B N   
120 C  CA  . GLY B 7  ? 0.2815 0.1979 0.1929 0.0351  0.0018  -0.0213 7   GLY B CA  
121 C  C   . GLY B 7  ? 0.2559 0.1670 0.1822 -0.0051 -0.0023 0.0165  7   GLY B C   
122 O  O   . GLY B 7  ? 0.2153 0.1963 0.1898 -0.0024 0.0015  -0.0021 7   GLY B O   
123 N  N   . ASP B 8  ? 0.2302 0.1779 0.2288 0.0142  -0.0075 -0.0109 8   ASP B N   
124 C  CA  . ASP B 8  ? 0.2275 0.1847 0.2249 0.0323  -0.0168 -0.0174 8   ASP B CA  
125 C  C   . ASP B 8  ? 0.2572 0.1813 0.1877 0.0141  0.0011  -0.0169 8   ASP B C   
126 O  O   . ASP B 8  ? 0.2825 0.2293 0.2135 0.0118  0.0258  0.0010  8   ASP B O   
127 C  CB  . ASP B 8  ? 0.2295 0.2028 0.2464 0.0502  -0.0207 -0.0224 8   ASP B CB  
128 C  CG  . ASP B 8  ? 0.2552 0.2047 0.2634 0.0746  -0.0634 -0.0407 8   ASP B CG  
129 O  OD1 . ASP B 8  ? 0.2139 0.1976 0.2551 0.0474  -0.0306 -0.0198 8   ASP B OD1 
130 O  OD2 . ASP B 8  ? 0.3032 0.2369 0.2443 0.0500  -0.0702 -0.0521 8   ASP B OD2 
131 N  N   . GLY B 9  ? 0.2352 0.1724 0.2266 -0.0025 -0.0050 -0.0131 9   GLY B N   
132 C  CA  . GLY B 9  ? 0.2346 0.2145 0.1890 0.0184  -0.0122 -0.0141 9   GLY B CA  
133 C  C   . GLY B 9  ? 0.2236 0.2170 0.1498 -0.0005 0.0352  -0.0173 9   GLY B C   
134 O  O   . GLY B 9  ? 0.2200 0.2187 0.1506 -0.0221 0.0239  -0.0355 9   GLY B O   
135 N  N   . 2TL B 10 ? 0.2451 0.2272 0.1610 0.0206  0.0574  -0.0239 10  2TL B N   
136 C  CA  . 2TL B 10 ? 0.2426 0.2132 0.2179 -0.0049 0.0582  -0.0495 10  2TL B CA  
137 C  CB  . 2TL B 10 ? 0.3613 0.2659 0.2543 0.0314  0.1337  -0.0061 10  2TL B CB  
138 O  OG1 . 2TL B 10 ? 0.3566 0.3434 0.3267 -0.0152 0.1015  0.0260  10  2TL B OG1 
139 C  CG2 . 2TL B 10 ? 0.3160 0.2758 0.2417 -0.0007 0.1504  -0.0096 10  2TL B CG2 
140 C  C   . 2TL B 10 ? 0.2066 0.2138 0.1931 -0.0193 0.0830  -0.0381 10  2TL B C   
141 O  O   . 2TL B 10 ? 0.2236 0.2025 0.2345 -0.0268 0.0544  -0.0288 10  2TL B O   
142 N  N   . ILE B 11 ? 0.2154 0.2188 0.2617 -0.0287 0.0767  -0.0849 11  ILE B N   
143 C  CA  . ILE B 11 ? 0.1749 0.2298 0.2660 -0.0084 0.0375  -0.0666 11  ILE B CA  
144 C  C   . ILE B 11 ? 0.1775 0.2314 0.1811 0.0278  0.0069  -0.0394 11  ILE B C   
145 O  O   . ILE B 11 ? 0.1605 0.2009 0.2384 0.0299  -0.0013 -0.0266 11  ILE B O   
146 C  CB  . ILE B 11 ? 0.1816 0.3003 0.3014 -0.0307 0.0156  -0.0503 11  ILE B CB  
147 C  CG1 . ILE B 11 ? 0.2205 0.4190 0.3632 -0.1057 0.0107  -0.0270 11  ILE B CG1 
148 C  CG2 . ILE B 11 ? 0.1871 0.3276 0.2976 0.0048  0.0170  -0.0833 11  ILE B CG2 
149 C  CD1 . ILE B 11 ? 0.2776 0.5144 0.4649 -0.0927 -0.0810 -0.0933 11  ILE B CD1 
150 N  N   . PRO B 12 ? 0.1625 0.2312 0.2498 0.0250  0.0060  -0.0447 12  PRO B N   
151 C  CA  . PRO B 12 ? 0.1973 0.2245 0.2075 0.0269  0.0121  -0.0204 12  PRO B CA  
152 C  C   . PRO B 12 ? 0.2195 0.1797 0.2176 0.0026  -0.0012 -0.0308 12  PRO B C   
153 O  O   . PRO B 12 ? 0.1922 0.2512 0.2619 0.0084  -0.0111 -0.0679 12  PRO B O   
154 C  CB  . PRO B 12 ? 0.2323 0.2347 0.2266 0.0431  -0.0182 0.0170  12  PRO B CB  
155 C  CG  . PRO B 12 ? 0.2575 0.2873 0.2978 0.0548  0.0414  0.0176  12  PRO B CG  
156 C  CD  . PRO B 12 ? 0.2039 0.2712 0.2234 0.0739  0.0329  -0.0115 12  PRO B CD  
157 C  C2  . 9GB C .  ? 0.2268 0.2922 0.2293 0.0178  -0.0154 -0.0138 101 9GB A C2  
158 C  C4  . 9GB C .  ? 0.2937 0.3735 0.3349 0.0502  0.0144  0.0460  101 9GB A C4  
159 C  C5  . 9GB C .  ? 0.3752 0.5008 0.3199 0.1021  0.0226  0.1263  101 9GB A C5  
160 C  C6  . 9GB C .  ? 0.4893 0.6730 0.3609 0.1311  -0.0243 0.1583  101 9GB A C6  
161 O  O3A . 9GB C .  ? 0.1439 0.2084 0.2285 0.0223  0.0222  -0.0336 101 9GB A O3A 
162 P  PA  . 9GB C .  ? 0.1577 0.1775 0.1881 0.0105  0.0062  -0.0144 101 9GB A PA  
163 O  O1A . 9GB C .  ? 0.1644 0.1943 0.1985 0.0094  0.0062  -0.0307 101 9GB A O1A 
164 O  O2A . 9GB C .  ? 0.1583 0.2269 0.2291 0.0026  0.0264  -0.0387 101 9GB A O2A 
165 O  O1  . 9GB C .  ? 0.1758 0.1901 0.2073 0.0006  0.0158  -0.0028 101 9GB A O1  
166 C  C1  . 9GB C .  ? 0.1895 0.2430 0.2276 0.0131  0.0020  -0.0477 101 9GB A C1  
167 C  C3  . 9GB C .  ? 0.2867 0.3695 0.2828 0.0779  0.0129  0.0373  101 9GB A C3  
168 CA CA  . CA  D .  ? 0.1703 0.1855 0.2073 0.0125  -0.0131 -0.0224 102 CA  A CA  
169 CA CA  . CA  E .  ? 0.1775 0.2022 0.2119 -0.0110 0.0411  -0.0349 103 CA  A CA  
170 CL CL  . CL  F .  ? 0.2698 0.2120 0.2543 0.0302  0.0271  -0.0318 104 CL  A CL  
171 C  C   . ACY G .  ? 0.8444 0.7988 0.9754 -0.0506 -0.0555 0.1109  105 ACY A C   
172 O  O   . ACY G .  ? 0.7517 0.6389 1.0879 -0.0647 -0.0420 0.0875  105 ACY A O   
173 O  OXT . ACY G .  ? 0.9525 0.4262 1.0244 0.1169  0.2546  -0.0070 105 ACY A OXT 
174 C  CH3 . ACY G .  ? 0.8562 0.7936 0.8749 -0.1470 -0.0938 0.0526  105 ACY A CH3 
175 C  C   . ACY H .  ? 0.5730 0.4262 0.7533 0.0255  0.2541  -0.1176 106 ACY A C   
176 O  O   . ACY H .  ? 0.8138 0.3986 0.6985 -0.0090 -0.1261 -0.0339 106 ACY A O   
177 O  OXT . ACY H .  ? 1.0538 0.8508 1.4937 -0.4778 0.5299  -0.1283 106 ACY A OXT 
178 C  CH3 . ACY H .  ? 0.4559 0.6519 0.6965 0.1628  0.1629  -0.0420 106 ACY A CH3 
179 C  C2  . 9GB I .  ? 0.2717 0.2138 0.2751 -0.0152 0.0305  0.0524  101 9GB B C2  
180 C  C4  . 9GB I .  ? 0.3539 0.3296 0.3143 0.0515  0.0429  0.0428  101 9GB B C4  
181 C  C5  . 9GB I .  ? 0.5380 0.4348 0.2417 0.0686  0.0322  0.0644  101 9GB B C5  
182 C  C6  . 9GB I .  ? 0.7088 0.5951 0.3227 -0.0412 0.0671  0.1604  101 9GB B C6  
183 O  O3A . 9GB I .  ? 0.1866 0.1769 0.1691 -0.0019 0.0098  -0.0270 101 9GB B O3A 
184 P  PA  . 9GB I .  ? 0.1528 0.1832 0.1821 0.0091  0.0169  -0.0208 101 9GB B PA  
185 O  O1A . 9GB I .  ? 0.1703 0.2101 0.2098 -0.0115 0.0495  -0.0504 101 9GB B O1A 
186 O  O2A . 9GB I .  ? 0.1416 0.1944 0.2325 0.0047  0.0072  -0.0513 101 9GB B O2A 
187 O  O1  . 9GB I .  ? 0.1806 0.2042 0.2181 -0.0145 0.0030  -0.0011 101 9GB B O1  
188 C  C1  . 9GB I .  ? 0.2242 0.1986 0.2196 -0.0142 0.0041  -0.0129 101 9GB B C1  
189 C  C3  . 9GB I .  ? 0.3356 0.3037 0.3230 0.0054  0.0839  0.0914  101 9GB B C3  
190 C  C7  . 9GB I .  ? 0.8283 0.9514 0.5009 -0.0849 -0.0744 0.0215  101 9GB B C7  
191 CA CA  . CA  J .  ? 0.1736 0.1958 0.1833 -0.0077 0.0311  -0.0256 102 CA  B CA  
192 CA CA  . CA  K .  ? 0.1688 0.2137 0.2295 0.0206  0.0069  -0.0470 103 CA  B CA  
193 C  C   . ACY L .  ? 1.1217 0.7454 1.0424 0.0354  -0.1859 -0.1767 104 ACY B C   
194 O  O   . ACY L .  ? 0.7407 0.3818 1.2403 0.2617  -0.2442 -0.0360 104 ACY B O   
195 O  OXT . ACY L .  ? 0.6907 0.5226 0.5813 0.3413  -0.3331 -0.2211 104 ACY B OXT 
196 C  CH3 . ACY L .  ? 0.6907 0.7334 1.0091 0.0056  -0.1553 -0.0945 104 ACY B CH3 
197 O  O   . HOH M .  ? 0.4989 0.3956 0.3612 0.0777  0.1786  0.0219  201 HOH A O   
198 O  O   . HOH M .  ? 0.2501 0.2307 0.1889 0.0425  0.0181  -0.0324 202 HOH A O   
199 O  O   . HOH M .  ? 0.6532 0.3584 0.2142 -0.1953 0.1297  -0.0429 203 HOH A O   
200 O  O   . HOH M .  ? 0.1652 0.1958 0.2081 0.0161  0.0041  -0.0433 204 HOH A O   
201 O  O   . HOH M .  ? 0.1875 0.2567 0.2609 0.0346  -0.0049 -0.0536 205 HOH A O   
202 O  O   . HOH M .  ? 0.1586 0.2896 0.3575 0.0267  -0.0095 -0.0974 206 HOH A O   
203 O  O   . HOH M .  ? 0.5979 0.3436 0.4287 0.1232  -0.2318 -0.1457 207 HOH A O   
204 O  O   . HOH M .  ? 0.6376 0.3517 0.2183 -0.1549 0.1666  -0.0518 208 HOH A O   
205 O  O   . HOH M .  ? 0.4602 0.9069 0.6220 -0.0466 0.2453  -0.1298 209 HOH A O   
206 O  O   . HOH N .  ? 0.9128 0.3429 0.6135 0.0081  -0.3827 0.0965  201 HOH B O   
207 O  O   . HOH N .  ? 0.4718 0.3128 0.5071 -0.0451 0.2749  -0.0113 202 HOH B O   
208 O  O   . HOH N .  ? 0.4600 0.3474 0.4355 -0.1207 0.0891  -0.0341 203 HOH B O   
209 O  O   . HOH N .  ? 0.5179 0.3988 0.3166 -0.1328 0.1443  -0.1077 204 HOH B O   
210 O  O   . HOH N .  ? 0.1890 0.1964 0.2205 -0.0157 0.0314  -0.0367 205 HOH B O   
211 O  O   . HOH N .  ? 0.2033 0.2511 0.3360 -0.0288 0.0423  -0.0433 206 HOH B O   
212 O  O   . HOH N .  ? 0.6236 0.4249 0.7130 0.0170  0.0507  0.0937  207 HOH B O   
213 O  O   . HOH N .  ? 0.5945 0.2159 0.4309 0.1153  -0.1403 -0.0086 208 HOH B O   
# 
